data_1XA2
# 
_entry.id   1XA2 
# 
_audit_conform.dict_name       mmcif_pdbx.dic 
_audit_conform.dict_version    5.389 
_audit_conform.dict_location   http://mmcif.pdb.org/dictionaries/ascii/mmcif_pdbx.dic 
# 
loop_
_database_2.database_id 
_database_2.database_code 
_database_2.pdbx_database_accession 
_database_2.pdbx_DOI 
PDB   1XA2         pdb_00001xa2 10.2210/pdb1xa2/pdb 
NDB   ZD0013       ?            ?                   
RCSB  RCSB030128   ?            ?                   
WWPDB D_1000030128 ?            ?                   
# 
loop_
_pdbx_audit_revision_history.ordinal 
_pdbx_audit_revision_history.data_content_type 
_pdbx_audit_revision_history.major_revision 
_pdbx_audit_revision_history.minor_revision 
_pdbx_audit_revision_history.revision_date 
1 'Structure model' 1 0 2004-11-16 
2 'Structure model' 1 1 2008-04-30 
3 'Structure model' 1 2 2011-07-13 
4 'Structure model' 1 3 2017-10-11 
5 'Structure model' 1 4 2024-02-14 
6 'Structure model' 1 5 2024-04-03 
# 
_pdbx_audit_revision_details.ordinal             1 
_pdbx_audit_revision_details.revision_ordinal    1 
_pdbx_audit_revision_details.data_content_type   'Structure model' 
_pdbx_audit_revision_details.provider            repository 
_pdbx_audit_revision_details.type                'Initial release' 
_pdbx_audit_revision_details.description         ? 
_pdbx_audit_revision_details.details             ? 
# 
loop_
_pdbx_audit_revision_group.ordinal 
_pdbx_audit_revision_group.revision_ordinal 
_pdbx_audit_revision_group.data_content_type 
_pdbx_audit_revision_group.group 
1 2 'Structure model' 'Version format compliance' 
2 3 'Structure model' 'Version format compliance' 
3 4 'Structure model' 'Refinement description'    
4 5 'Structure model' 'Data collection'           
5 5 'Structure model' 'Database references'       
6 5 'Structure model' 'Derived calculations'      
7 6 'Structure model' 'Refinement description'    
# 
loop_
_pdbx_audit_revision_category.ordinal 
_pdbx_audit_revision_category.revision_ordinal 
_pdbx_audit_revision_category.data_content_type 
_pdbx_audit_revision_category.category 
1 4 'Structure model' software                      
2 5 'Structure model' chem_comp_atom                
3 5 'Structure model' chem_comp_bond                
4 5 'Structure model' database_2                    
5 5 'Structure model' struct_site                   
6 6 'Structure model' pdbx_initial_refinement_model 
# 
loop_
_pdbx_audit_revision_item.ordinal 
_pdbx_audit_revision_item.revision_ordinal 
_pdbx_audit_revision_item.data_content_type 
_pdbx_audit_revision_item.item 
1 4 'Structure model' '_software.classification'            
2 4 'Structure model' '_software.name'                      
3 5 'Structure model' '_database_2.pdbx_DOI'                
4 5 'Structure model' '_database_2.pdbx_database_accession' 
5 5 'Structure model' '_struct_site.pdbx_auth_asym_id'      
6 5 'Structure model' '_struct_site.pdbx_auth_comp_id'      
7 5 'Structure model' '_struct_site.pdbx_auth_seq_id'       
# 
_pdbx_database_status.status_code                     REL 
_pdbx_database_status.entry_id                        1XA2 
_pdbx_database_status.recvd_initial_deposition_date   2004-08-25 
_pdbx_database_status.deposit_site                    RCSB 
_pdbx_database_status.process_site                    RCSB 
_pdbx_database_status.status_code_sf                  REL 
_pdbx_database_status.status_code_mr                  ? 
_pdbx_database_status.SG_entry                        ? 
_pdbx_database_status.pdb_format_compatible           Y 
_pdbx_database_status.status_code_cs                  ? 
_pdbx_database_status.methods_development_category    ? 
_pdbx_database_status.status_code_nmr_data            ? 
# 
loop_
_audit_author.name 
_audit_author.pdbx_ordinal 
'Thiyagarajan, S.' 1 
'Rajan, S.S.'      2 
'Gautham, N.'      3 
# 
loop_
_citation.id 
_citation.title 
_citation.journal_abbrev 
_citation.journal_volume 
_citation.page_first 
_citation.page_last 
_citation.year 
_citation.journal_id_ASTM 
_citation.country 
_citation.journal_id_ISSN 
_citation.journal_id_CSD 
_citation.book_publisher 
_citation.pdbx_database_id_PubMed 
_citation.pdbx_database_id_DOI 
primary 'Cobalt hexammine induced tautomeric shift in Z-DNA: the structure of d(CGCGCA)*d(TGCGCG) in two crystal forms.' 
'Nucleic Acids Res.'       32 5945 5953 2004 NARHAD UK 0305-1048 0389 ? 15534365 10.1093/nar/gkh919        
1       'Structure of d(TGCGCG). d(CGCGCA) in two crystal forms: effects of sequence and crystal packing in Z-DNA'       
'Acta Crystallogr.,Sect.D' 61 1125 1131 2005 ABCRE6 DK 0907-4449 0766 ? 16041078 10.1107/S0907444905016781 
# 
loop_
_citation_author.citation_id 
_citation_author.name 
_citation_author.ordinal 
_citation_author.identifier_ORCID 
primary 'Thiyagarajan, S.' 1 ? 
primary 'Rajan, S.S.'      2 ? 
primary 'Gautham, N.'      3 ? 
1       'Thiyagarajan, S.' 4 ? 
1       'Rajan, S.S.'      5 ? 
1       'Gautham, N.'      6 ? 
# 
loop_
_entity.id 
_entity.type 
_entity.src_method 
_entity.pdbx_description 
_entity.formula_weight 
_entity.pdbx_number_of_molecules 
_entity.pdbx_ec 
_entity.pdbx_mutation 
_entity.pdbx_fragment 
_entity.details 
1 polymer     syn "5'-D(*CP*GP*CP*GP*CP*A)-3'" 1794.206 1  ? ? ? ? 
2 polymer     syn "5'-D(*TP*GP*CP*GP*CP*G)-3'" 1825.216 1  ? ? ? ? 
3 non-polymer syn 'COBALT HEXAMMINE(III)'      161.116  1  ? ? ? ? 
4 water       nat water                        18.015   45 ? ? ? ? 
# 
loop_
_entity_poly.entity_id 
_entity_poly.type 
_entity_poly.nstd_linkage 
_entity_poly.nstd_monomer 
_entity_poly.pdbx_seq_one_letter_code 
_entity_poly.pdbx_seq_one_letter_code_can 
_entity_poly.pdbx_strand_id 
_entity_poly.pdbx_target_identifier 
1 polydeoxyribonucleotide no no '(DC)(DG)(DC)(DG)(DC)(DA)' CGCGCA A ? 
2 polydeoxyribonucleotide no no '(DT)(DG)(DC)(DG)(DC)(DG)' TGCGCG B ? 
# 
loop_
_pdbx_entity_nonpoly.entity_id 
_pdbx_entity_nonpoly.name 
_pdbx_entity_nonpoly.comp_id 
3 'COBALT HEXAMMINE(III)' NCO 
4 water                   HOH 
# 
loop_
_entity_poly_seq.entity_id 
_entity_poly_seq.num 
_entity_poly_seq.mon_id 
_entity_poly_seq.hetero 
1 1 DC n 
1 2 DG n 
1 3 DC n 
1 4 DG n 
1 5 DC n 
1 6 DA n 
2 1 DT n 
2 2 DG n 
2 3 DC n 
2 4 DG n 
2 5 DC n 
2 6 DG n 
# 
loop_
_chem_comp.id 
_chem_comp.type 
_chem_comp.mon_nstd_flag 
_chem_comp.name 
_chem_comp.pdbx_synonyms 
_chem_comp.formula 
_chem_comp.formula_weight 
DA  'DNA linking' y "2'-DEOXYADENOSINE-5'-MONOPHOSPHATE" ? 'C10 H14 N5 O6 P' 331.222 
DC  'DNA linking' y "2'-DEOXYCYTIDINE-5'-MONOPHOSPHATE"  ? 'C9 H14 N3 O7 P'  307.197 
DG  'DNA linking' y "2'-DEOXYGUANOSINE-5'-MONOPHOSPHATE" ? 'C10 H14 N5 O7 P' 347.221 
DT  'DNA linking' y "THYMIDINE-5'-MONOPHOSPHATE"         ? 'C10 H15 N2 O8 P' 322.208 
HOH non-polymer   . WATER                                ? 'H2 O'            18.015  
NCO non-polymer   . 'COBALT HEXAMMINE(III)'              ? 'Co H18 N6 3'     161.116 
# 
loop_
_pdbx_poly_seq_scheme.asym_id 
_pdbx_poly_seq_scheme.entity_id 
_pdbx_poly_seq_scheme.seq_id 
_pdbx_poly_seq_scheme.mon_id 
_pdbx_poly_seq_scheme.ndb_seq_num 
_pdbx_poly_seq_scheme.pdb_seq_num 
_pdbx_poly_seq_scheme.auth_seq_num 
_pdbx_poly_seq_scheme.pdb_mon_id 
_pdbx_poly_seq_scheme.auth_mon_id 
_pdbx_poly_seq_scheme.pdb_strand_id 
_pdbx_poly_seq_scheme.pdb_ins_code 
_pdbx_poly_seq_scheme.hetero 
A 1 1 DC 1 1  1  DC C A . n 
A 1 2 DG 2 2  2  DG G A . n 
A 1 3 DC 3 3  3  DC C A . n 
A 1 4 DG 4 4  4  DG G A . n 
A 1 5 DC 5 5  5  DC C A . n 
A 1 6 DA 6 6  6  DA A A . n 
B 2 1 DT 1 7  7  DT T B . n 
B 2 2 DG 2 8  8  DG G B . n 
B 2 3 DC 3 9  9  DC C B . n 
B 2 4 DG 4 10 10 DG G B . n 
B 2 5 DC 5 11 11 DC C B . n 
B 2 6 DG 6 12 12 DG G B . n 
# 
loop_
_pdbx_nonpoly_scheme.asym_id 
_pdbx_nonpoly_scheme.entity_id 
_pdbx_nonpoly_scheme.mon_id 
_pdbx_nonpoly_scheme.ndb_seq_num 
_pdbx_nonpoly_scheme.pdb_seq_num 
_pdbx_nonpoly_scheme.auth_seq_num 
_pdbx_nonpoly_scheme.pdb_mon_id 
_pdbx_nonpoly_scheme.auth_mon_id 
_pdbx_nonpoly_scheme.pdb_strand_id 
_pdbx_nonpoly_scheme.pdb_ins_code 
C 3 NCO 1  13 13 NCO NCO A . 
D 4 HOH 1  14 14 HOH HOH A . 
D 4 HOH 2  17 17 HOH HOH A . 
D 4 HOH 3  18 18 HOH HOH A . 
D 4 HOH 4  20 20 HOH HOH A . 
D 4 HOH 5  22 22 HOH HOH A . 
D 4 HOH 6  24 24 HOH HOH A . 
D 4 HOH 7  26 26 HOH HOH A . 
D 4 HOH 8  28 28 HOH HOH A . 
D 4 HOH 9  29 29 HOH HOH A . 
D 4 HOH 10 32 32 HOH HOH A . 
D 4 HOH 11 33 33 HOH HOH A . 
D 4 HOH 12 36 36 HOH HOH A . 
D 4 HOH 13 39 39 HOH HOH A . 
D 4 HOH 14 44 44 HOH HOH A . 
D 4 HOH 15 46 46 HOH HOH A . 
D 4 HOH 16 49 49 HOH HOH A . 
D 4 HOH 17 50 50 HOH HOH A . 
D 4 HOH 18 51 51 HOH HOH A . 
D 4 HOH 19 53 53 HOH HOH A . 
D 4 HOH 20 54 54 HOH HOH A . 
D 4 HOH 21 56 56 HOH HOH A . 
D 4 HOH 22 58 58 HOH HOH A . 
E 4 HOH 1  15 15 HOH HOH B . 
E 4 HOH 2  16 16 HOH HOH B . 
E 4 HOH 3  19 19 HOH HOH B . 
E 4 HOH 4  21 21 HOH HOH B . 
E 4 HOH 5  23 23 HOH HOH B . 
E 4 HOH 6  25 25 HOH HOH B . 
E 4 HOH 7  27 27 HOH HOH B . 
E 4 HOH 8  31 31 HOH HOH B . 
E 4 HOH 9  34 34 HOH HOH B . 
E 4 HOH 10 35 35 HOH HOH B . 
E 4 HOH 11 37 37 HOH HOH B . 
E 4 HOH 12 38 38 HOH HOH B . 
E 4 HOH 13 40 40 HOH HOH B . 
E 4 HOH 14 41 41 HOH HOH B . 
E 4 HOH 15 43 43 HOH HOH B . 
E 4 HOH 16 45 45 HOH HOH B . 
E 4 HOH 17 47 47 HOH HOH B . 
E 4 HOH 18 48 48 HOH HOH B . 
E 4 HOH 19 52 52 HOH HOH B . 
E 4 HOH 20 55 55 HOH HOH B . 
E 4 HOH 21 57 57 HOH HOH B . 
E 4 HOH 22 59 59 HOH HOH B . 
E 4 HOH 23 62 62 HOH HOH B . 
# 
loop_
_software.name 
_software.classification 
_software.version 
_software.citation_id 
_software.pdbx_ordinal 
REFMAC  refinement        5.0 ? 1 
MAR345  'data collection' .   ? 2 
AUTOMAR 'data reduction'  .   ? 3 
AMoRE   phasing           .   ? 4 
# 
_cell.entry_id           1XA2 
_cell.length_a           17.976 
_cell.length_b           30.926 
_cell.length_c           44.625 
_cell.angle_alpha        90.00 
_cell.angle_beta         90.00 
_cell.angle_gamma        90.00 
_cell.Z_PDB              4 
_cell.pdbx_unique_axis   ? 
# 
_symmetry.entry_id                         1XA2 
_symmetry.space_group_name_H-M             'P 21 21 21' 
_symmetry.pdbx_full_space_group_name_H-M   ? 
_symmetry.cell_setting                     ? 
_symmetry.Int_Tables_number                19 
_symmetry.space_group_name_Hall            ? 
# 
_exptl.entry_id          1XA2 
_exptl.method            'X-RAY DIFFRACTION' 
_exptl.crystals_number   1 
# 
_exptl_crystal.id                    1 
_exptl_crystal.density_meas          ? 
_exptl_crystal.density_Matthews      1.79 
_exptl_crystal.density_percent_sol   30.88 
_exptl_crystal.description           ? 
_exptl_crystal.F_000                 ? 
_exptl_crystal.preparation           ? 
# 
_exptl_crystal_grow.crystal_id      1 
_exptl_crystal_grow.method          'VAPOR DIFFUSION, HANGING DROP' 
_exptl_crystal_grow.temp            293 
_exptl_crystal_grow.temp_details    ? 
_exptl_crystal_grow.pH              6.9 
_exptl_crystal_grow.pdbx_details    
'MPD, sodium cacodylate, cobalt hexammine chloride, spermine, pH 6.9, VAPOR DIFFUSION, HANGING DROP, temperature 293K' 
_exptl_crystal_grow.pdbx_pH_range   . 
# 
loop_
_exptl_crystal_grow_comp.crystal_id 
_exptl_crystal_grow_comp.id 
_exptl_crystal_grow_comp.sol_id 
_exptl_crystal_grow_comp.name 
_exptl_crystal_grow_comp.volume 
_exptl_crystal_grow_comp.conc 
_exptl_crystal_grow_comp.details 
1 1 1 MPD                         ? ? ? 
1 2 1 'sodium cacodylate'         ? ? ? 
1 3 1 'cobalt hexammine chloride' ? ? ? 
1 4 1 spermine                    ? ? ? 
1 5 1 H2O                         ? ? ? 
1 6 2 MPD                         ? ? ? 
1 7 2 'sodium cacodylate'         ? ? ? 
1 8 2 'cobalt hexammine chloride' ? ? ? 
1 9 2 H2O                         ? ? ? 
# 
_diffrn.id                     1 
_diffrn.ambient_temp           293 
_diffrn.ambient_temp_details   ? 
_diffrn.crystal_id             1 
# 
_diffrn_detector.diffrn_id              1 
_diffrn_detector.detector               'IMAGE PLATE' 
_diffrn_detector.type                   MARRESEARCH 
_diffrn_detector.pdbx_collection_date   2003-11-15 
_diffrn_detector.details                mirrors 
# 
_diffrn_radiation.diffrn_id                        1 
_diffrn_radiation.wavelength_id                    1 
_diffrn_radiation.pdbx_monochromatic_or_laue_m_l   M 
_diffrn_radiation.monochromator                    OSMIC 
_diffrn_radiation.pdbx_diffrn_protocol             'SINGLE WAVELENGTH' 
_diffrn_radiation.pdbx_scattering_type             x-ray 
# 
_diffrn_radiation_wavelength.id           1 
_diffrn_radiation_wavelength.wavelength   1.5418 
_diffrn_radiation_wavelength.wt           1.0 
# 
_diffrn_source.diffrn_id                   1 
_diffrn_source.source                      'ROTATING ANODE' 
_diffrn_source.type                        'RIGAKU RU300' 
_diffrn_source.pdbx_synchrotron_site       ? 
_diffrn_source.pdbx_synchrotron_beamline   ? 
_diffrn_source.pdbx_wavelength             ? 
_diffrn_source.pdbx_wavelength_list        1.5418 
# 
_reflns.entry_id                     1XA2 
_reflns.observed_criterion_sigma_F   0.0 
_reflns.observed_criterion_sigma_I   0.0 
_reflns.d_resolution_high            1.71 
_reflns.d_resolution_low             18.11 
_reflns.number_all                   2766 
_reflns.number_obs                   2766 
_reflns.percent_possible_obs         93.9 
_reflns.pdbx_Rmerge_I_obs            0.057 
_reflns.pdbx_Rsym_value              ? 
_reflns.pdbx_netI_over_sigmaI        5.8 
_reflns.B_iso_Wilson_estimate        ? 
_reflns.pdbx_redundancy              3.63 
_reflns.R_free_details               ? 
_reflns.pdbx_chi_squared             ? 
_reflns.pdbx_scaling_rejects         ? 
_reflns.pdbx_diffrn_id               1 
_reflns.pdbx_ordinal                 1 
# 
_reflns_shell.d_res_high             1.71 
_reflns_shell.d_res_low              1.77 
_reflns_shell.percent_possible_all   99.1 
_reflns_shell.Rmerge_I_obs           0.149 
_reflns_shell.pdbx_Rsym_value        ? 
_reflns_shell.meanI_over_sigI_obs    ? 
_reflns_shell.pdbx_redundancy        ? 
_reflns_shell.percent_possible_obs   ? 
_reflns_shell.number_unique_all      ? 
_reflns_shell.number_measured_all    ? 
_reflns_shell.number_measured_obs    ? 
_reflns_shell.number_unique_obs      ? 
_reflns_shell.pdbx_chi_squared       ? 
_reflns_shell.pdbx_diffrn_id         ? 
_reflns_shell.pdbx_ordinal           1 
# 
_refine.entry_id                                 1XA2 
_refine.ls_number_reflns_obs                     2564 
_refine.ls_number_reflns_all                     2765 
_refine.pdbx_ls_sigma_I                          0 
_refine.pdbx_ls_sigma_F                          0 
_refine.pdbx_data_cutoff_high_absF               ? 
_refine.pdbx_data_cutoff_low_absF                ? 
_refine.pdbx_data_cutoff_high_rms_absF           ? 
_refine.ls_d_res_low                             18.11 
_refine.ls_d_res_high                            1.71 
_refine.ls_percent_reflns_obs                    93.86 
_refine.ls_R_factor_obs                          0.2102 
_refine.ls_R_factor_all                          0.226 
_refine.ls_R_factor_R_work                       0.2077 
_refine.ls_R_factor_R_free                       0.23983 
_refine.ls_R_factor_R_free_error                 ? 
_refine.ls_R_factor_R_free_error_details         ? 
_refine.ls_percent_reflns_R_free                 7.3 
_refine.ls_number_reflns_R_free                  201 
_refine.ls_number_parameters                     ? 
_refine.ls_number_restraints                     ? 
_refine.occupancy_min                            ? 
_refine.occupancy_max                            ? 
_refine.correlation_coeff_Fo_to_Fc               0.945 
_refine.correlation_coeff_Fo_to_Fc_free          0.933 
_refine.B_iso_mean                               19.745 
_refine.aniso_B[1][1]                            0.01 
_refine.aniso_B[2][2]                            0.05 
_refine.aniso_B[3][3]                            -0.06 
_refine.aniso_B[1][2]                            0.00 
_refine.aniso_B[1][3]                            0.00 
_refine.aniso_B[2][3]                            0.00 
_refine.solvent_model_details                    'BABINET MODEL WITH MASK' 
_refine.solvent_model_param_ksol                 ? 
_refine.solvent_model_param_bsol                 ? 
_refine.pdbx_solvent_vdw_probe_radii             1.40 
_refine.pdbx_solvent_ion_probe_radii             0.80 
_refine.pdbx_solvent_shrinkage_radii             0.80 
_refine.pdbx_ls_cross_valid_method               THROUGHOUT 
_refine.details                                  ? 
_refine.pdbx_starting_model                      'standard FIBER MODEL Z-DNA  HEXAMER WITH A-T BASE PAIR AT ONE TERMINAL' 
_refine.pdbx_method_to_determine_struct          'MOLECULAR REPLACEMENT' 
_refine.pdbx_isotropic_thermal_model             isotropic 
_refine.pdbx_stereochemistry_target_values       'MAXIMUM LIKELIHOOD' 
_refine.pdbx_stereochem_target_val_spec_case     ? 
_refine.pdbx_R_Free_selection_details            RANDOM 
_refine.pdbx_overall_ESU_R                       0.170 
_refine.pdbx_overall_ESU_R_Free                  0.145 
_refine.overall_SU_ML                            0.093 
_refine.overall_SU_B                             2.719 
_refine.ls_redundancy_reflns_obs                 ? 
_refine.overall_SU_R_Cruickshank_DPI             ? 
_refine.overall_SU_R_free                        ? 
_refine.ls_wR_factor_R_free                      ? 
_refine.ls_wR_factor_R_work                      ? 
_refine.overall_FOM_free_R_set                   ? 
_refine.overall_FOM_work_R_set                   ? 
_refine.pdbx_refine_id                           'X-RAY DIFFRACTION' 
_refine.pdbx_diffrn_id                           1 
_refine.pdbx_TLS_residual_ADP_flag               ? 
_refine.pdbx_overall_phase_error                 ? 
_refine.pdbx_overall_SU_R_free_Cruickshank_DPI   ? 
_refine.pdbx_overall_SU_R_Blow_DPI               ? 
_refine.pdbx_overall_SU_R_free_Blow_DPI          ? 
# 
_refine_hist.pdbx_refine_id                   'X-RAY DIFFRACTION' 
_refine_hist.cycle_id                         LAST 
_refine_hist.pdbx_number_atoms_protein        0 
_refine_hist.pdbx_number_atoms_nucleic_acid   240 
_refine_hist.pdbx_number_atoms_ligand         7 
_refine_hist.number_atoms_solvent             45 
_refine_hist.number_atoms_total               292 
_refine_hist.d_res_high                       1.71 
_refine_hist.d_res_low                        18.11 
# 
loop_
_refine_ls_restr.type 
_refine_ls_restr.dev_ideal 
_refine_ls_restr.dev_ideal_target 
_refine_ls_restr.weight 
_refine_ls_restr.number 
_refine_ls_restr.pdbx_refine_id 
_refine_ls_restr.pdbx_restraint_function 
r_bond_refined_d         0.017 0.021 ? 274 'X-RAY DIFFRACTION' ? 
r_bond_other_d           ?     ?     ? ?   'X-RAY DIFFRACTION' ? 
r_angle_refined_deg      2.201 3.000 ? 425 'X-RAY DIFFRACTION' ? 
r_angle_other_deg        ?     ?     ? ?   'X-RAY DIFFRACTION' ? 
r_dihedral_angle_1_deg   ?     ?     ? ?   'X-RAY DIFFRACTION' ? 
r_dihedral_angle_2_deg   ?     ?     ? ?   'X-RAY DIFFRACTION' ? 
r_dihedral_angle_3_deg   ?     ?     ? ?   'X-RAY DIFFRACTION' ? 
r_dihedral_angle_4_deg   ?     ?     ? ?   'X-RAY DIFFRACTION' ? 
r_chiral_restr           0.115 0.200 ? 37  'X-RAY DIFFRACTION' ? 
r_gen_planes_refined     0.012 0.020 ? 125 'X-RAY DIFFRACTION' ? 
r_gen_planes_other       ?     ?     ? ?   'X-RAY DIFFRACTION' ? 
r_nbd_refined            0.191 0.300 ? 85  'X-RAY DIFFRACTION' ? 
r_nbd_other              ?     ?     ? ?   'X-RAY DIFFRACTION' ? 
r_nbtor_refined          ?     ?     ? ?   'X-RAY DIFFRACTION' ? 
r_nbtor_other            ?     ?     ? ?   'X-RAY DIFFRACTION' ? 
r_xyhbond_nbd_refined    0.182 0.500 ? 25  'X-RAY DIFFRACTION' ? 
r_xyhbond_nbd_other      ?     ?     ? ?   'X-RAY DIFFRACTION' ? 
r_metal_ion_refined      ?     ?     ? ?   'X-RAY DIFFRACTION' ? 
r_metal_ion_other        ?     ?     ? ?   'X-RAY DIFFRACTION' ? 
r_symmetry_vdw_refined   0.126 0.300 ? 19  'X-RAY DIFFRACTION' ? 
r_symmetry_vdw_other     ?     ?     ? ?   'X-RAY DIFFRACTION' ? 
r_symmetry_hbond_refined 0.131 0.500 ? 4   'X-RAY DIFFRACTION' ? 
r_symmetry_hbond_other   ?     ?     ? ?   'X-RAY DIFFRACTION' ? 
r_mcbond_it              ?     ?     ? ?   'X-RAY DIFFRACTION' ? 
r_mcbond_other           ?     ?     ? ?   'X-RAY DIFFRACTION' ? 
r_mcangle_it             ?     ?     ? ?   'X-RAY DIFFRACTION' ? 
r_scbond_it              2.770 3.000 ? 274 'X-RAY DIFFRACTION' ? 
r_scangle_it             3.634 4.500 ? 425 'X-RAY DIFFRACTION' ? 
r_rigid_bond_restr       ?     ?     ? ?   'X-RAY DIFFRACTION' ? 
r_sphericity_free        ?     ?     ? ?   'X-RAY DIFFRACTION' ? 
r_sphericity_bonded      ?     ?     ? ?   'X-RAY DIFFRACTION' ? 
# 
_refine_ls_shell.pdbx_total_number_of_bins_used   20 
_refine_ls_shell.d_res_high                       1.710 
_refine_ls_shell.d_res_low                        1.754 
_refine_ls_shell.number_reflns_R_work             187 
_refine_ls_shell.R_factor_R_work                  0.221 
_refine_ls_shell.percent_reflns_obs               ? 
_refine_ls_shell.R_factor_R_free                  0.267 
_refine_ls_shell.R_factor_R_free_error            ? 
_refine_ls_shell.percent_reflns_R_free            ? 
_refine_ls_shell.number_reflns_R_free             13 
_refine_ls_shell.redundancy_reflns_obs            ? 
_refine_ls_shell.pdbx_refine_id                   'X-RAY DIFFRACTION' 
_refine_ls_shell.number_reflns_all                ? 
_refine_ls_shell.R_factor_all                     ? 
# 
_struct.entry_id                  1XA2 
_struct.title                     
'Cobalt hexammine induced tautomeric shift in Z-DNA: the structure of d(CGCGCA).d(TGCGCG) in two crystal forms' 
_struct.pdbx_model_details        ? 
_struct.pdbx_CASP_flag            ? 
_struct.pdbx_model_type_details   ? 
# 
_struct_keywords.entry_id        1XA2 
_struct_keywords.pdbx_keywords   DNA 
_struct_keywords.text            'DOUBLE HELIX, Z-DNA, DNA' 
# 
loop_
_struct_asym.id 
_struct_asym.pdbx_blank_PDB_chainid_flag 
_struct_asym.pdbx_modified 
_struct_asym.entity_id 
_struct_asym.details 
A N N 1 ? 
B N N 2 ? 
C N N 3 ? 
D N N 4 ? 
E N N 4 ? 
# 
loop_
_struct_ref.id 
_struct_ref.entity_id 
_struct_ref.db_name 
_struct_ref.db_code 
_struct_ref.pdbx_db_accession 
_struct_ref.pdbx_db_isoform 
_struct_ref.pdbx_seq_one_letter_code 
_struct_ref.pdbx_align_begin 
1 1 PDB 1XA2 1XA2 ? ? ? 
2 2 PDB 1XA2 1XA2 ? ? ? 
# 
loop_
_struct_ref_seq.align_id 
_struct_ref_seq.ref_id 
_struct_ref_seq.pdbx_PDB_id_code 
_struct_ref_seq.pdbx_strand_id 
_struct_ref_seq.seq_align_beg 
_struct_ref_seq.pdbx_seq_align_beg_ins_code 
_struct_ref_seq.seq_align_end 
_struct_ref_seq.pdbx_seq_align_end_ins_code 
_struct_ref_seq.pdbx_db_accession 
_struct_ref_seq.db_align_beg 
_struct_ref_seq.pdbx_db_align_beg_ins_code 
_struct_ref_seq.db_align_end 
_struct_ref_seq.pdbx_db_align_end_ins_code 
_struct_ref_seq.pdbx_auth_seq_align_beg 
_struct_ref_seq.pdbx_auth_seq_align_end 
1 1 1XA2 A 1 ? 6 ? 1XA2 1 ? 6  ? 1 6  
2 2 1XA2 B 1 ? 6 ? 1XA2 7 ? 12 ? 7 12 
# 
_pdbx_struct_assembly.id                   1 
_pdbx_struct_assembly.details              author_defined_assembly 
_pdbx_struct_assembly.method_details       ? 
_pdbx_struct_assembly.oligomeric_details   dimeric 
_pdbx_struct_assembly.oligomeric_count     2 
# 
_pdbx_struct_assembly_gen.assembly_id       1 
_pdbx_struct_assembly_gen.oper_expression   1 
_pdbx_struct_assembly_gen.asym_id_list      A,B,C,D,E 
# 
_pdbx_struct_oper_list.id                   1 
_pdbx_struct_oper_list.type                 'identity operation' 
_pdbx_struct_oper_list.name                 1_555 
_pdbx_struct_oper_list.symmetry_operation   x,y,z 
_pdbx_struct_oper_list.matrix[1][1]         1.0000000000 
_pdbx_struct_oper_list.matrix[1][2]         0.0000000000 
_pdbx_struct_oper_list.matrix[1][3]         0.0000000000 
_pdbx_struct_oper_list.vector[1]            0.0000000000 
_pdbx_struct_oper_list.matrix[2][1]         0.0000000000 
_pdbx_struct_oper_list.matrix[2][2]         1.0000000000 
_pdbx_struct_oper_list.matrix[2][3]         0.0000000000 
_pdbx_struct_oper_list.vector[2]            0.0000000000 
_pdbx_struct_oper_list.matrix[3][1]         0.0000000000 
_pdbx_struct_oper_list.matrix[3][2]         0.0000000000 
_pdbx_struct_oper_list.matrix[3][3]         1.0000000000 
_pdbx_struct_oper_list.vector[3]            0.0000000000 
# 
loop_
_struct_conn.id 
_struct_conn.conn_type_id 
_struct_conn.pdbx_leaving_atom_flag 
_struct_conn.pdbx_PDB_id 
_struct_conn.ptnr1_label_asym_id 
_struct_conn.ptnr1_label_comp_id 
_struct_conn.ptnr1_label_seq_id 
_struct_conn.ptnr1_label_atom_id 
_struct_conn.pdbx_ptnr1_label_alt_id 
_struct_conn.pdbx_ptnr1_PDB_ins_code 
_struct_conn.pdbx_ptnr1_standard_comp_id 
_struct_conn.ptnr1_symmetry 
_struct_conn.ptnr2_label_asym_id 
_struct_conn.ptnr2_label_comp_id 
_struct_conn.ptnr2_label_seq_id 
_struct_conn.ptnr2_label_atom_id 
_struct_conn.pdbx_ptnr2_label_alt_id 
_struct_conn.pdbx_ptnr2_PDB_ins_code 
_struct_conn.ptnr1_auth_asym_id 
_struct_conn.ptnr1_auth_comp_id 
_struct_conn.ptnr1_auth_seq_id 
_struct_conn.ptnr2_auth_asym_id 
_struct_conn.ptnr2_auth_comp_id 
_struct_conn.ptnr2_auth_seq_id 
_struct_conn.ptnr2_symmetry 
_struct_conn.pdbx_ptnr3_label_atom_id 
_struct_conn.pdbx_ptnr3_label_seq_id 
_struct_conn.pdbx_ptnr3_label_comp_id 
_struct_conn.pdbx_ptnr3_label_asym_id 
_struct_conn.pdbx_ptnr3_label_alt_id 
_struct_conn.pdbx_ptnr3_PDB_ins_code 
_struct_conn.details 
_struct_conn.pdbx_dist_value 
_struct_conn.pdbx_value_order 
_struct_conn.pdbx_role 
hydrog1  hydrog ? ? A DC 1 N3 ? ? ? 1_555 B DG 6 N1 ? ? A DC 1 B DG 12 1_555 ? ? ? ? ? ? WATSON-CRICK ? ? ? 
hydrog2  hydrog ? ? A DC 1 N4 ? ? ? 1_555 B DG 6 O6 ? ? A DC 1 B DG 12 1_555 ? ? ? ? ? ? WATSON-CRICK ? ? ? 
hydrog3  hydrog ? ? A DC 1 O2 ? ? ? 1_555 B DG 6 N2 ? ? A DC 1 B DG 12 1_555 ? ? ? ? ? ? WATSON-CRICK ? ? ? 
hydrog4  hydrog ? ? A DG 2 N1 ? ? ? 1_555 B DC 5 N3 ? ? A DG 2 B DC 11 1_555 ? ? ? ? ? ? WATSON-CRICK ? ? ? 
hydrog5  hydrog ? ? A DG 2 N2 ? ? ? 1_555 B DC 5 O2 ? ? A DG 2 B DC 11 1_555 ? ? ? ? ? ? WATSON-CRICK ? ? ? 
hydrog6  hydrog ? ? A DG 2 O6 ? ? ? 1_555 B DC 5 N4 ? ? A DG 2 B DC 11 1_555 ? ? ? ? ? ? WATSON-CRICK ? ? ? 
hydrog7  hydrog ? ? A DC 3 N3 ? ? ? 1_555 B DG 4 N1 ? ? A DC 3 B DG 10 1_555 ? ? ? ? ? ? WATSON-CRICK ? ? ? 
hydrog8  hydrog ? ? A DC 3 N4 ? ? ? 1_555 B DG 4 O6 ? ? A DC 3 B DG 10 1_555 ? ? ? ? ? ? WATSON-CRICK ? ? ? 
hydrog9  hydrog ? ? A DC 3 O2 ? ? ? 1_555 B DG 4 N2 ? ? A DC 3 B DG 10 1_555 ? ? ? ? ? ? WATSON-CRICK ? ? ? 
hydrog10 hydrog ? ? A DG 4 N1 ? ? ? 1_555 B DC 3 N3 ? ? A DG 4 B DC 9  1_555 ? ? ? ? ? ? WATSON-CRICK ? ? ? 
hydrog11 hydrog ? ? A DG 4 N2 ? ? ? 1_555 B DC 3 O2 ? ? A DG 4 B DC 9  1_555 ? ? ? ? ? ? WATSON-CRICK ? ? ? 
hydrog12 hydrog ? ? A DG 4 O6 ? ? ? 1_555 B DC 3 N4 ? ? A DG 4 B DC 9  1_555 ? ? ? ? ? ? WATSON-CRICK ? ? ? 
hydrog13 hydrog ? ? A DC 5 N3 ? ? ? 1_555 B DG 2 N1 ? ? A DC 5 B DG 8  1_555 ? ? ? ? ? ? WATSON-CRICK ? ? ? 
hydrog14 hydrog ? ? A DC 5 N4 ? ? ? 1_555 B DG 2 O6 ? ? A DC 5 B DG 8  1_555 ? ? ? ? ? ? WATSON-CRICK ? ? ? 
hydrog15 hydrog ? ? A DC 5 O2 ? ? ? 1_555 B DG 2 N2 ? ? A DC 5 B DG 8  1_555 ? ? ? ? ? ? WATSON-CRICK ? ? ? 
hydrog16 hydrog ? ? A DA 6 N1 ? ? ? 1_555 B DT 1 N3 ? ? A DA 6 B DT 7  1_555 ? ? ? ? ? ? WATSON-CRICK ? ? ? 
hydrog17 hydrog ? ? A DA 6 N6 ? ? ? 1_555 B DT 1 O4 ? ? A DA 6 B DT 7  1_555 ? ? ? ? ? ? WATSON-CRICK ? ? ? 
# 
_struct_conn_type.id          hydrog 
_struct_conn_type.criteria    ? 
_struct_conn_type.reference   ? 
# 
_struct_site.id                   AC1 
_struct_site.pdbx_evidence_code   Software 
_struct_site.pdbx_auth_asym_id    A 
_struct_site.pdbx_auth_comp_id    NCO 
_struct_site.pdbx_auth_seq_id     13 
_struct_site.pdbx_auth_ins_code   ? 
_struct_site.pdbx_num_residues    8 
_struct_site.details              'BINDING SITE FOR RESIDUE NCO A 13' 
# 
loop_
_struct_site_gen.id 
_struct_site_gen.site_id 
_struct_site_gen.pdbx_num_res 
_struct_site_gen.label_comp_id 
_struct_site_gen.label_asym_id 
_struct_site_gen.label_seq_id 
_struct_site_gen.pdbx_auth_ins_code 
_struct_site_gen.auth_comp_id 
_struct_site_gen.auth_asym_id 
_struct_site_gen.auth_seq_id 
_struct_site_gen.label_atom_id 
_struct_site_gen.label_alt_id 
_struct_site_gen.symmetry 
_struct_site_gen.details 
1 AC1 8 DC  A 1 ? DC  A 1  . ? 3_545 ? 
2 AC1 8 DC  A 3 ? DC  A 3  . ? 1_555 ? 
3 AC1 8 DG  A 4 ? DG  A 4  . ? 1_555 ? 
4 AC1 8 DC  A 5 ? DC  A 5  . ? 4_445 ? 
5 AC1 8 DA  A 6 ? DA  A 6  . ? 4_445 ? 
6 AC1 8 HOH D . ? HOH A 18 . ? 1_555 ? 
7 AC1 8 DT  B 1 ? DT  B 7  . ? 4_445 ? 
8 AC1 8 DG  B 6 ? DG  B 12 . ? 3_545 ? 
# 
loop_
_pdbx_validate_rmsd_bond.id 
_pdbx_validate_rmsd_bond.PDB_model_num 
_pdbx_validate_rmsd_bond.auth_atom_id_1 
_pdbx_validate_rmsd_bond.auth_asym_id_1 
_pdbx_validate_rmsd_bond.auth_comp_id_1 
_pdbx_validate_rmsd_bond.auth_seq_id_1 
_pdbx_validate_rmsd_bond.PDB_ins_code_1 
_pdbx_validate_rmsd_bond.label_alt_id_1 
_pdbx_validate_rmsd_bond.auth_atom_id_2 
_pdbx_validate_rmsd_bond.auth_asym_id_2 
_pdbx_validate_rmsd_bond.auth_comp_id_2 
_pdbx_validate_rmsd_bond.auth_seq_id_2 
_pdbx_validate_rmsd_bond.PDB_ins_code_2 
_pdbx_validate_rmsd_bond.label_alt_id_2 
_pdbx_validate_rmsd_bond.bond_value 
_pdbx_validate_rmsd_bond.bond_target_value 
_pdbx_validate_rmsd_bond.bond_deviation 
_pdbx_validate_rmsd_bond.bond_standard_deviation 
_pdbx_validate_rmsd_bond.linker_flag 
1 1 N7    A DG 2  ? ? C8    A DG 2  ? ? 1.356 1.305 0.051  0.006 N 
2 1 C6    A DA 6  ? ? N6    A DA 6  ? ? 1.283 1.335 -0.052 0.008 N 
3 1 "C5'" B DG 12 ? ? "C4'" B DG 12 ? ? 1.557 1.512 0.045  0.007 N 
# 
loop_
_pdbx_validate_rmsd_angle.id 
_pdbx_validate_rmsd_angle.PDB_model_num 
_pdbx_validate_rmsd_angle.auth_atom_id_1 
_pdbx_validate_rmsd_angle.auth_asym_id_1 
_pdbx_validate_rmsd_angle.auth_comp_id_1 
_pdbx_validate_rmsd_angle.auth_seq_id_1 
_pdbx_validate_rmsd_angle.PDB_ins_code_1 
_pdbx_validate_rmsd_angle.label_alt_id_1 
_pdbx_validate_rmsd_angle.auth_atom_id_2 
_pdbx_validate_rmsd_angle.auth_asym_id_2 
_pdbx_validate_rmsd_angle.auth_comp_id_2 
_pdbx_validate_rmsd_angle.auth_seq_id_2 
_pdbx_validate_rmsd_angle.PDB_ins_code_2 
_pdbx_validate_rmsd_angle.label_alt_id_2 
_pdbx_validate_rmsd_angle.auth_atom_id_3 
_pdbx_validate_rmsd_angle.auth_asym_id_3 
_pdbx_validate_rmsd_angle.auth_comp_id_3 
_pdbx_validate_rmsd_angle.auth_seq_id_3 
_pdbx_validate_rmsd_angle.PDB_ins_code_3 
_pdbx_validate_rmsd_angle.label_alt_id_3 
_pdbx_validate_rmsd_angle.angle_value 
_pdbx_validate_rmsd_angle.angle_target_value 
_pdbx_validate_rmsd_angle.angle_deviation 
_pdbx_validate_rmsd_angle.angle_standard_deviation 
_pdbx_validate_rmsd_angle.linker_flag 
1  1 N3    A DG 2  ? ? C4    A DG 2  ? ? C5    A DG 2  ? ? 124.49 128.60 -4.11 0.50 N 
2  1 C6    A DG 2  ? ? C5    A DG 2  ? ? N7    A DG 2  ? ? 126.21 130.40 -4.19 0.60 N 
3  1 C5    A DC 3  ? ? C6    A DC 3  ? ? N1    A DC 3  ? ? 117.58 121.00 -3.42 0.50 N 
4  1 "O4'" A DG 4  ? ? "C1'" A DG 4  ? ? "C2'" A DG 4  ? ? 109.95 106.80 3.15  0.50 N 
5  1 OP1   A DC 5  ? ? P     A DC 5  ? ? OP2   A DC 5  ? ? 110.56 119.60 -9.04 1.50 N 
6  1 C2    A DA 6  ? ? N3    A DA 6  ? ? C4    A DA 6  ? ? 113.68 110.60 3.08  0.50 N 
7  1 "O4'" B DT 7  ? ? "C1'" B DT 7  ? ? N1    B DT 7  ? ? 110.32 108.30 2.02  0.30 N 
8  1 N3    B DT 7  ? ? C4    B DT 7  ? ? O4    B DT 7  ? ? 123.56 119.90 3.66  0.60 N 
9  1 C6    B DC 11 ? ? N1    B DC 11 ? ? C2    B DC 11 ? ? 124.32 120.30 4.02  0.40 N 
10 1 N3    B DC 11 ? ? C4    B DC 11 ? ? C5    B DC 11 ? ? 124.88 121.90 2.98  0.40 N 
11 1 C5    B DC 11 ? ? C4    B DC 11 ? ? N4    B DC 11 ? ? 115.97 120.20 -4.23 0.70 N 
12 1 "O5'" B DG 12 ? ? "C5'" B DG 12 ? ? "C4'" B DG 12 ? ? 103.77 109.40 -5.63 0.80 N 
# 
_pdbx_database_remark.id     999 
_pdbx_database_remark.text   
;SEQUENCE
This sequence is potentially a left handed Z-DNA forming seqeunce 
;
# 
loop_
_chem_comp_atom.comp_id 
_chem_comp_atom.atom_id 
_chem_comp_atom.type_symbol 
_chem_comp_atom.pdbx_aromatic_flag 
_chem_comp_atom.pdbx_stereo_config 
_chem_comp_atom.pdbx_ordinal 
DA  OP3    O  N N 1   
DA  P      P  N N 2   
DA  OP1    O  N N 3   
DA  OP2    O  N N 4   
DA  "O5'"  O  N N 5   
DA  "C5'"  C  N N 6   
DA  "C4'"  C  N R 7   
DA  "O4'"  O  N N 8   
DA  "C3'"  C  N S 9   
DA  "O3'"  O  N N 10  
DA  "C2'"  C  N N 11  
DA  "C1'"  C  N R 12  
DA  N9     N  Y N 13  
DA  C8     C  Y N 14  
DA  N7     N  Y N 15  
DA  C5     C  Y N 16  
DA  C6     C  Y N 17  
DA  N6     N  N N 18  
DA  N1     N  Y N 19  
DA  C2     C  Y N 20  
DA  N3     N  Y N 21  
DA  C4     C  Y N 22  
DA  HOP3   H  N N 23  
DA  HOP2   H  N N 24  
DA  "H5'"  H  N N 25  
DA  "H5''" H  N N 26  
DA  "H4'"  H  N N 27  
DA  "H3'"  H  N N 28  
DA  "HO3'" H  N N 29  
DA  "H2'"  H  N N 30  
DA  "H2''" H  N N 31  
DA  "H1'"  H  N N 32  
DA  H8     H  N N 33  
DA  H61    H  N N 34  
DA  H62    H  N N 35  
DA  H2     H  N N 36  
DC  OP3    O  N N 37  
DC  P      P  N N 38  
DC  OP1    O  N N 39  
DC  OP2    O  N N 40  
DC  "O5'"  O  N N 41  
DC  "C5'"  C  N N 42  
DC  "C4'"  C  N R 43  
DC  "O4'"  O  N N 44  
DC  "C3'"  C  N S 45  
DC  "O3'"  O  N N 46  
DC  "C2'"  C  N N 47  
DC  "C1'"  C  N R 48  
DC  N1     N  N N 49  
DC  C2     C  N N 50  
DC  O2     O  N N 51  
DC  N3     N  N N 52  
DC  C4     C  N N 53  
DC  N4     N  N N 54  
DC  C5     C  N N 55  
DC  C6     C  N N 56  
DC  HOP3   H  N N 57  
DC  HOP2   H  N N 58  
DC  "H5'"  H  N N 59  
DC  "H5''" H  N N 60  
DC  "H4'"  H  N N 61  
DC  "H3'"  H  N N 62  
DC  "HO3'" H  N N 63  
DC  "H2'"  H  N N 64  
DC  "H2''" H  N N 65  
DC  "H1'"  H  N N 66  
DC  H41    H  N N 67  
DC  H42    H  N N 68  
DC  H5     H  N N 69  
DC  H6     H  N N 70  
DG  OP3    O  N N 71  
DG  P      P  N N 72  
DG  OP1    O  N N 73  
DG  OP2    O  N N 74  
DG  "O5'"  O  N N 75  
DG  "C5'"  C  N N 76  
DG  "C4'"  C  N R 77  
DG  "O4'"  O  N N 78  
DG  "C3'"  C  N S 79  
DG  "O3'"  O  N N 80  
DG  "C2'"  C  N N 81  
DG  "C1'"  C  N R 82  
DG  N9     N  Y N 83  
DG  C8     C  Y N 84  
DG  N7     N  Y N 85  
DG  C5     C  Y N 86  
DG  C6     C  N N 87  
DG  O6     O  N N 88  
DG  N1     N  N N 89  
DG  C2     C  N N 90  
DG  N2     N  N N 91  
DG  N3     N  N N 92  
DG  C4     C  Y N 93  
DG  HOP3   H  N N 94  
DG  HOP2   H  N N 95  
DG  "H5'"  H  N N 96  
DG  "H5''" H  N N 97  
DG  "H4'"  H  N N 98  
DG  "H3'"  H  N N 99  
DG  "HO3'" H  N N 100 
DG  "H2'"  H  N N 101 
DG  "H2''" H  N N 102 
DG  "H1'"  H  N N 103 
DG  H8     H  N N 104 
DG  H1     H  N N 105 
DG  H21    H  N N 106 
DG  H22    H  N N 107 
DT  OP3    O  N N 108 
DT  P      P  N N 109 
DT  OP1    O  N N 110 
DT  OP2    O  N N 111 
DT  "O5'"  O  N N 112 
DT  "C5'"  C  N N 113 
DT  "C4'"  C  N R 114 
DT  "O4'"  O  N N 115 
DT  "C3'"  C  N S 116 
DT  "O3'"  O  N N 117 
DT  "C2'"  C  N N 118 
DT  "C1'"  C  N R 119 
DT  N1     N  N N 120 
DT  C2     C  N N 121 
DT  O2     O  N N 122 
DT  N3     N  N N 123 
DT  C4     C  N N 124 
DT  O4     O  N N 125 
DT  C5     C  N N 126 
DT  C7     C  N N 127 
DT  C6     C  N N 128 
DT  HOP3   H  N N 129 
DT  HOP2   H  N N 130 
DT  "H5'"  H  N N 131 
DT  "H5''" H  N N 132 
DT  "H4'"  H  N N 133 
DT  "H3'"  H  N N 134 
DT  "HO3'" H  N N 135 
DT  "H2'"  H  N N 136 
DT  "H2''" H  N N 137 
DT  "H1'"  H  N N 138 
DT  H3     H  N N 139 
DT  H71    H  N N 140 
DT  H72    H  N N 141 
DT  H73    H  N N 142 
DT  H6     H  N N 143 
HOH O      O  N N 144 
HOH H1     H  N N 145 
HOH H2     H  N N 146 
NCO CO     CO N N 147 
NCO N1     N  N N 148 
NCO N2     N  N N 149 
NCO N3     N  N N 150 
NCO N4     N  N N 151 
NCO N5     N  N N 152 
NCO N6     N  N N 153 
NCO HN11   H  N N 154 
NCO HN12   H  N N 155 
NCO HN13   H  N N 156 
NCO HN21   H  N N 157 
NCO HN22   H  N N 158 
NCO HN23   H  N N 159 
NCO HN31   H  N N 160 
NCO HN32   H  N N 161 
NCO HN33   H  N N 162 
NCO HN41   H  N N 163 
NCO HN42   H  N N 164 
NCO HN43   H  N N 165 
NCO HN51   H  N N 166 
NCO HN52   H  N N 167 
NCO HN53   H  N N 168 
NCO HN61   H  N N 169 
NCO HN62   H  N N 170 
NCO HN63   H  N N 171 
# 
loop_
_chem_comp_bond.comp_id 
_chem_comp_bond.atom_id_1 
_chem_comp_bond.atom_id_2 
_chem_comp_bond.value_order 
_chem_comp_bond.pdbx_aromatic_flag 
_chem_comp_bond.pdbx_stereo_config 
_chem_comp_bond.pdbx_ordinal 
DA  OP3   P      sing N N 1   
DA  OP3   HOP3   sing N N 2   
DA  P     OP1    doub N N 3   
DA  P     OP2    sing N N 4   
DA  P     "O5'"  sing N N 5   
DA  OP2   HOP2   sing N N 6   
DA  "O5'" "C5'"  sing N N 7   
DA  "C5'" "C4'"  sing N N 8   
DA  "C5'" "H5'"  sing N N 9   
DA  "C5'" "H5''" sing N N 10  
DA  "C4'" "O4'"  sing N N 11  
DA  "C4'" "C3'"  sing N N 12  
DA  "C4'" "H4'"  sing N N 13  
DA  "O4'" "C1'"  sing N N 14  
DA  "C3'" "O3'"  sing N N 15  
DA  "C3'" "C2'"  sing N N 16  
DA  "C3'" "H3'"  sing N N 17  
DA  "O3'" "HO3'" sing N N 18  
DA  "C2'" "C1'"  sing N N 19  
DA  "C2'" "H2'"  sing N N 20  
DA  "C2'" "H2''" sing N N 21  
DA  "C1'" N9     sing N N 22  
DA  "C1'" "H1'"  sing N N 23  
DA  N9    C8     sing Y N 24  
DA  N9    C4     sing Y N 25  
DA  C8    N7     doub Y N 26  
DA  C8    H8     sing N N 27  
DA  N7    C5     sing Y N 28  
DA  C5    C6     sing Y N 29  
DA  C5    C4     doub Y N 30  
DA  C6    N6     sing N N 31  
DA  C6    N1     doub Y N 32  
DA  N6    H61    sing N N 33  
DA  N6    H62    sing N N 34  
DA  N1    C2     sing Y N 35  
DA  C2    N3     doub Y N 36  
DA  C2    H2     sing N N 37  
DA  N3    C4     sing Y N 38  
DC  OP3   P      sing N N 39  
DC  OP3   HOP3   sing N N 40  
DC  P     OP1    doub N N 41  
DC  P     OP2    sing N N 42  
DC  P     "O5'"  sing N N 43  
DC  OP2   HOP2   sing N N 44  
DC  "O5'" "C5'"  sing N N 45  
DC  "C5'" "C4'"  sing N N 46  
DC  "C5'" "H5'"  sing N N 47  
DC  "C5'" "H5''" sing N N 48  
DC  "C4'" "O4'"  sing N N 49  
DC  "C4'" "C3'"  sing N N 50  
DC  "C4'" "H4'"  sing N N 51  
DC  "O4'" "C1'"  sing N N 52  
DC  "C3'" "O3'"  sing N N 53  
DC  "C3'" "C2'"  sing N N 54  
DC  "C3'" "H3'"  sing N N 55  
DC  "O3'" "HO3'" sing N N 56  
DC  "C2'" "C1'"  sing N N 57  
DC  "C2'" "H2'"  sing N N 58  
DC  "C2'" "H2''" sing N N 59  
DC  "C1'" N1     sing N N 60  
DC  "C1'" "H1'"  sing N N 61  
DC  N1    C2     sing N N 62  
DC  N1    C6     sing N N 63  
DC  C2    O2     doub N N 64  
DC  C2    N3     sing N N 65  
DC  N3    C4     doub N N 66  
DC  C4    N4     sing N N 67  
DC  C4    C5     sing N N 68  
DC  N4    H41    sing N N 69  
DC  N4    H42    sing N N 70  
DC  C5    C6     doub N N 71  
DC  C5    H5     sing N N 72  
DC  C6    H6     sing N N 73  
DG  OP3   P      sing N N 74  
DG  OP3   HOP3   sing N N 75  
DG  P     OP1    doub N N 76  
DG  P     OP2    sing N N 77  
DG  P     "O5'"  sing N N 78  
DG  OP2   HOP2   sing N N 79  
DG  "O5'" "C5'"  sing N N 80  
DG  "C5'" "C4'"  sing N N 81  
DG  "C5'" "H5'"  sing N N 82  
DG  "C5'" "H5''" sing N N 83  
DG  "C4'" "O4'"  sing N N 84  
DG  "C4'" "C3'"  sing N N 85  
DG  "C4'" "H4'"  sing N N 86  
DG  "O4'" "C1'"  sing N N 87  
DG  "C3'" "O3'"  sing N N 88  
DG  "C3'" "C2'"  sing N N 89  
DG  "C3'" "H3'"  sing N N 90  
DG  "O3'" "HO3'" sing N N 91  
DG  "C2'" "C1'"  sing N N 92  
DG  "C2'" "H2'"  sing N N 93  
DG  "C2'" "H2''" sing N N 94  
DG  "C1'" N9     sing N N 95  
DG  "C1'" "H1'"  sing N N 96  
DG  N9    C8     sing Y N 97  
DG  N9    C4     sing Y N 98  
DG  C8    N7     doub Y N 99  
DG  C8    H8     sing N N 100 
DG  N7    C5     sing Y N 101 
DG  C5    C6     sing N N 102 
DG  C5    C4     doub Y N 103 
DG  C6    O6     doub N N 104 
DG  C6    N1     sing N N 105 
DG  N1    C2     sing N N 106 
DG  N1    H1     sing N N 107 
DG  C2    N2     sing N N 108 
DG  C2    N3     doub N N 109 
DG  N2    H21    sing N N 110 
DG  N2    H22    sing N N 111 
DG  N3    C4     sing N N 112 
DT  OP3   P      sing N N 113 
DT  OP3   HOP3   sing N N 114 
DT  P     OP1    doub N N 115 
DT  P     OP2    sing N N 116 
DT  P     "O5'"  sing N N 117 
DT  OP2   HOP2   sing N N 118 
DT  "O5'" "C5'"  sing N N 119 
DT  "C5'" "C4'"  sing N N 120 
DT  "C5'" "H5'"  sing N N 121 
DT  "C5'" "H5''" sing N N 122 
DT  "C4'" "O4'"  sing N N 123 
DT  "C4'" "C3'"  sing N N 124 
DT  "C4'" "H4'"  sing N N 125 
DT  "O4'" "C1'"  sing N N 126 
DT  "C3'" "O3'"  sing N N 127 
DT  "C3'" "C2'"  sing N N 128 
DT  "C3'" "H3'"  sing N N 129 
DT  "O3'" "HO3'" sing N N 130 
DT  "C2'" "C1'"  sing N N 131 
DT  "C2'" "H2'"  sing N N 132 
DT  "C2'" "H2''" sing N N 133 
DT  "C1'" N1     sing N N 134 
DT  "C1'" "H1'"  sing N N 135 
DT  N1    C2     sing N N 136 
DT  N1    C6     sing N N 137 
DT  C2    O2     doub N N 138 
DT  C2    N3     sing N N 139 
DT  N3    C4     sing N N 140 
DT  N3    H3     sing N N 141 
DT  C4    O4     doub N N 142 
DT  C4    C5     sing N N 143 
DT  C5    C7     sing N N 144 
DT  C5    C6     doub N N 145 
DT  C7    H71    sing N N 146 
DT  C7    H72    sing N N 147 
DT  C7    H73    sing N N 148 
DT  C6    H6     sing N N 149 
HOH O     H1     sing N N 150 
HOH O     H2     sing N N 151 
NCO CO    N1     sing N N 152 
NCO CO    N2     sing N N 153 
NCO CO    N3     sing N N 154 
NCO CO    N4     sing N N 155 
NCO CO    N5     sing N N 156 
NCO CO    N6     sing N N 157 
NCO N1    HN11   sing N N 158 
NCO N1    HN12   sing N N 159 
NCO N1    HN13   sing N N 160 
NCO N2    HN21   sing N N 161 
NCO N2    HN22   sing N N 162 
NCO N2    HN23   sing N N 163 
NCO N3    HN31   sing N N 164 
NCO N3    HN32   sing N N 165 
NCO N3    HN33   sing N N 166 
NCO N4    HN41   sing N N 167 
NCO N4    HN42   sing N N 168 
NCO N4    HN43   sing N N 169 
NCO N5    HN51   sing N N 170 
NCO N5    HN52   sing N N 171 
NCO N5    HN53   sing N N 172 
NCO N6    HN61   sing N N 173 
NCO N6    HN62   sing N N 174 
NCO N6    HN63   sing N N 175 
# 
_ndb_struct_conf_na.entry_id   1XA2 
_ndb_struct_conf_na.feature    'z-form double helix' 
# 
loop_
_ndb_struct_na_base_pair.model_number 
_ndb_struct_na_base_pair.i_label_asym_id 
_ndb_struct_na_base_pair.i_label_comp_id 
_ndb_struct_na_base_pair.i_label_seq_id 
_ndb_struct_na_base_pair.i_symmetry 
_ndb_struct_na_base_pair.j_label_asym_id 
_ndb_struct_na_base_pair.j_label_comp_id 
_ndb_struct_na_base_pair.j_label_seq_id 
_ndb_struct_na_base_pair.j_symmetry 
_ndb_struct_na_base_pair.shear 
_ndb_struct_na_base_pair.stretch 
_ndb_struct_na_base_pair.stagger 
_ndb_struct_na_base_pair.buckle 
_ndb_struct_na_base_pair.propeller 
_ndb_struct_na_base_pair.opening 
_ndb_struct_na_base_pair.pair_number 
_ndb_struct_na_base_pair.pair_name 
_ndb_struct_na_base_pair.i_auth_asym_id 
_ndb_struct_na_base_pair.i_auth_seq_id 
_ndb_struct_na_base_pair.i_PDB_ins_code 
_ndb_struct_na_base_pair.j_auth_asym_id 
_ndb_struct_na_base_pair.j_auth_seq_id 
_ndb_struct_na_base_pair.j_PDB_ins_code 
_ndb_struct_na_base_pair.hbond_type_28 
_ndb_struct_na_base_pair.hbond_type_12 
1 A DC 1 1_555 B DG 6 1_555 -1.141 -0.362 0.023  4.138  7.178  3.848 1 A_DC1:DG12_B A 1 ? B 12 ? 19 1 
1 A DG 2 1_555 B DC 5 1_555 0.336  -0.164 0.015  0.752  -3.028 1.280 2 A_DG2:DC11_B A 2 ? B 11 ? 19 1 
1 A DC 3 1_555 B DG 4 1_555 -0.225 -0.166 -0.042 6.136  0.292  1.762 3 A_DC3:DG10_B A 3 ? B 10 ? 19 1 
1 A DG 4 1_555 B DC 3 1_555 0.190  -0.195 0.070  -2.592 -3.256 1.320 4 A_DG4:DC9_B  A 4 ? B 9  ? 19 1 
1 A DC 5 1_555 B DG 2 1_555 -0.174 -0.179 0.000  5.722  -2.912 2.066 5 A_DC5:DG8_B  A 5 ? B 8  ? 19 1 
1 A DA 6 1_555 B DT 1 1_555 1.824  -0.402 0.227  -1.536 8.018  6.939 6 A_DA6:DT7_B  A 6 ? B 7  ? 20 1 
# 
loop_
_ndb_struct_na_base_pair_step.model_number 
_ndb_struct_na_base_pair_step.i_label_asym_id_1 
_ndb_struct_na_base_pair_step.i_label_comp_id_1 
_ndb_struct_na_base_pair_step.i_label_seq_id_1 
_ndb_struct_na_base_pair_step.i_symmetry_1 
_ndb_struct_na_base_pair_step.j_label_asym_id_1 
_ndb_struct_na_base_pair_step.j_label_comp_id_1 
_ndb_struct_na_base_pair_step.j_label_seq_id_1 
_ndb_struct_na_base_pair_step.j_symmetry_1 
_ndb_struct_na_base_pair_step.i_label_asym_id_2 
_ndb_struct_na_base_pair_step.i_label_comp_id_2 
_ndb_struct_na_base_pair_step.i_label_seq_id_2 
_ndb_struct_na_base_pair_step.i_symmetry_2 
_ndb_struct_na_base_pair_step.j_label_asym_id_2 
_ndb_struct_na_base_pair_step.j_label_comp_id_2 
_ndb_struct_na_base_pair_step.j_label_seq_id_2 
_ndb_struct_na_base_pair_step.j_symmetry_2 
_ndb_struct_na_base_pair_step.shift 
_ndb_struct_na_base_pair_step.slide 
_ndb_struct_na_base_pair_step.rise 
_ndb_struct_na_base_pair_step.tilt 
_ndb_struct_na_base_pair_step.roll 
_ndb_struct_na_base_pair_step.twist 
_ndb_struct_na_base_pair_step.x_displacement 
_ndb_struct_na_base_pair_step.y_displacement 
_ndb_struct_na_base_pair_step.helical_rise 
_ndb_struct_na_base_pair_step.inclination 
_ndb_struct_na_base_pair_step.tip 
_ndb_struct_na_base_pair_step.helical_twist 
_ndb_struct_na_base_pair_step.step_number 
_ndb_struct_na_base_pair_step.step_name 
_ndb_struct_na_base_pair_step.i_auth_asym_id_1 
_ndb_struct_na_base_pair_step.i_auth_seq_id_1 
_ndb_struct_na_base_pair_step.i_PDB_ins_code_1 
_ndb_struct_na_base_pair_step.j_auth_asym_id_1 
_ndb_struct_na_base_pair_step.j_auth_seq_id_1 
_ndb_struct_na_base_pair_step.j_PDB_ins_code_1 
_ndb_struct_na_base_pair_step.i_auth_asym_id_2 
_ndb_struct_na_base_pair_step.i_auth_seq_id_2 
_ndb_struct_na_base_pair_step.i_PDB_ins_code_2 
_ndb_struct_na_base_pair_step.j_auth_asym_id_2 
_ndb_struct_na_base_pair_step.j_auth_seq_id_2 
_ndb_struct_na_base_pair_step.j_PDB_ins_code_2 
1 A DC 1 1_555 B DG 6 1_555 A DG 2 1_555 B DC 5 1_555 -0.386 5.304  3.552 -2.058 -0.555 -4.771  -53.799 -20.500 3.655 6.273  
-23.250 -5.225  1 AA_DC1DG2:DC11DG12_BB A 1 ? B 12 ? A 2 ? B 11 ? 
1 A DG 2 1_555 B DC 5 1_555 A DC 3 1_555 B DG 4 1_555 -0.016 -0.906 3.402 0.283  -3.176 -53.246 1.217   0.000   3.347 3.540  0.316 
-53.334 2 AA_DG2DC3:DG10DC11_BB A 2 ? B 11 ? A 3 ? B 10 ? 
1 A DC 3 1_555 B DG 4 1_555 A DG 4 1_555 B DC 3 1_555 -0.085 5.399  3.779 -0.856 -2.781 -6.819  -27.763 -4.961  5.490 22.103 
-6.800  -7.414  3 AA_DC3DG4:DC9DG10_BB  A 3 ? B 10 ? A 4 ? B 9  ? 
1 A DG 4 1_555 B DC 3 1_555 A DC 5 1_555 B DG 2 1_555 0.068  -1.086 3.281 0.249  -3.070 -51.435 1.457   0.095   3.216 3.534  0.287 
-51.521 4 AA_DG4DC5:DG8DC9_BB   A 4 ? B 9  ? A 5 ? B 8  ? 
1 A DC 5 1_555 B DG 2 1_555 A DA 6 1_555 B DT 1 1_555 0.200  5.179  3.724 2.411  -0.268 -1.694  -93.439 65.723  2.438 6.084  
54.739  -2.959  5 AA_DC5DA6:DT7DG8_BB   A 5 ? B 8  ? A 6 ? B 7  ? 
# 
_pdbx_initial_refinement_model.accession_code   ? 
_pdbx_initial_refinement_model.id               1 
_pdbx_initial_refinement_model.entity_id_list   ? 
_pdbx_initial_refinement_model.type             'experimental model' 
_pdbx_initial_refinement_model.source_name      Other 
_pdbx_initial_refinement_model.details          'standard FIBER MODEL Z-DNA  HEXAMER WITH A-T BASE PAIR AT ONE TERMINAL' 
# 
_atom_sites.entry_id                    1XA2 
_atom_sites.fract_transf_matrix[1][1]   -0.03274359 
_atom_sites.fract_transf_matrix[1][2]   -0.04462102 
_atom_sites.fract_transf_matrix[1][3]   -0.00561416 
_atom_sites.fract_transf_matrix[2][1]   -0.02613464 
_atom_sites.fract_transf_matrix[2][2]   0.01896463 
_atom_sites.fract_transf_matrix[2][3]   0.00169583 
_atom_sites.fract_transf_matrix[3][1]   0.00038371 
_atom_sites.fract_transf_matrix[3][2]   0.00251960 
_atom_sites.fract_transf_matrix[3][3]   -0.02226359 
_atom_sites.fract_transf_vector[1]      0.214340 
_atom_sites.fract_transf_vector[2]      -0.005584 
_atom_sites.fract_transf_vector[3]      0.125479 
# 
loop_
_atom_type.symbol 
C  
CO 
N  
O  
P  
# 
loop_
_atom_site.group_PDB 
_atom_site.id 
_atom_site.type_symbol 
_atom_site.label_atom_id 
_atom_site.label_alt_id 
_atom_site.label_comp_id 
_atom_site.label_asym_id 
_atom_site.label_entity_id 
_atom_site.label_seq_id 
_atom_site.pdbx_PDB_ins_code 
_atom_site.Cartn_x 
_atom_site.Cartn_y 
_atom_site.Cartn_z 
_atom_site.occupancy 
_atom_site.B_iso_or_equiv 
_atom_site.pdbx_formal_charge 
_atom_site.auth_seq_id 
_atom_site.auth_comp_id 
_atom_site.auth_asym_id 
_atom_site.auth_atom_id 
_atom_site.pdbx_PDB_model_num 
ATOM   1   O  "O5'" . DC  A 1 1 ? 5.773   3.792   -9.321  1.00 21.58 ? 1  DC  A "O5'" 1 
ATOM   2   C  "C5'" . DC  A 1 1 ? 6.065   2.739   -8.402  1.00 17.63 ? 1  DC  A "C5'" 1 
ATOM   3   C  "C4'" . DC  A 1 1 ? 4.961   1.688   -8.289  1.00 19.25 ? 1  DC  A "C4'" 1 
ATOM   4   O  "O4'" . DC  A 1 1 ? 3.749   2.313   -7.749  1.00 17.08 ? 1  DC  A "O4'" 1 
ATOM   5   C  "C3'" . DC  A 1 1 ? 4.523   0.995   -9.606  1.00 16.55 ? 1  DC  A "C3'" 1 
ATOM   6   O  "O3'" . DC  A 1 1 ? 4.198   -0.380  -9.393  1.00 18.69 ? 1  DC  A "O3'" 1 
ATOM   7   C  "C2'" . DC  A 1 1 ? 3.272   1.770   -9.984  1.00 18.40 ? 1  DC  A "C2'" 1 
ATOM   8   C  "C1'" . DC  A 1 1 ? 2.655   1.950   -8.598  1.00 16.70 ? 1  DC  A "C1'" 1 
ATOM   9   N  N1    . DC  A 1 1 ? 1.681   3.040   -8.590  1.00 18.43 ? 1  DC  A N1    1 
ATOM   10  C  C2    . DC  A 1 1 ? 0.306   2.817   -8.923  1.00 16.69 ? 1  DC  A C2    1 
ATOM   11  O  O2    . DC  A 1 1 ? -0.119  1.718   -9.169  1.00 22.39 ? 1  DC  A O2    1 
ATOM   12  N  N3    . DC  A 1 1 ? -0.513  3.883   -8.890  1.00 24.32 ? 1  DC  A N3    1 
ATOM   13  C  C4    . DC  A 1 1 ? -0.082  5.079   -8.616  1.00 20.14 ? 1  DC  A C4    1 
ATOM   14  N  N4    . DC  A 1 1 ? -0.979  6.081   -8.621  1.00 25.79 ? 1  DC  A N4    1 
ATOM   15  C  C5    . DC  A 1 1 ? 1.276   5.349   -8.265  1.00 21.93 ? 1  DC  A C5    1 
ATOM   16  C  C6    . DC  A 1 1 ? 2.113   4.279   -8.298  1.00 16.60 ? 1  DC  A C6    1 
ATOM   17  P  P     . DG  A 1 2 ? 5.249   -1.538  -9.685  1.00 20.12 ? 2  DG  A P     1 
ATOM   18  O  OP1   . DG  A 1 2 ? 5.995   -1.221  -10.911 1.00 21.04 ? 2  DG  A OP1   1 
ATOM   19  O  OP2   . DG  A 1 2 ? 4.491   -2.808  -9.654  1.00 22.59 ? 2  DG  A OP2   1 
ATOM   20  O  "O5'" . DG  A 1 2 ? 6.201   -1.463  -8.393  1.00 17.08 ? 2  DG  A "O5'" 1 
ATOM   21  C  "C5'" . DG  A 1 2 ? 5.675   -1.828  -7.086  1.00 18.51 ? 2  DG  A "C5'" 1 
ATOM   22  C  "C4'" . DG  A 1 2 ? 6.644   -1.520  -5.949  1.00 15.22 ? 2  DG  A "C4'" 1 
ATOM   23  O  "O4'" . DG  A 1 2 ? 7.064   -0.123  -5.960  1.00 15.81 ? 2  DG  A "O4'" 1 
ATOM   24  C  "C3'" . DG  A 1 2 ? 6.145   -1.805  -4.533  1.00 15.36 ? 2  DG  A "C3'" 1 
ATOM   25  O  "O3'" . DG  A 1 2 ? 6.599   -3.109  -4.125  1.00 22.28 ? 2  DG  A "O3'" 1 
ATOM   26  C  "C2'" . DG  A 1 2 ? 6.814   -0.733  -3.672  1.00 14.87 ? 2  DG  A "C2'" 1 
ATOM   27  C  "C1'" . DG  A 1 2 ? 7.234   0.368   -4.641  1.00 15.78 ? 2  DG  A "C1'" 1 
ATOM   28  N  N9    . DG  A 1 2 ? 6.444   1.605   -4.608  1.00 14.75 ? 2  DG  A N9    1 
ATOM   29  C  C8    . DG  A 1 2 ? 6.911   2.899   -4.476  1.00 18.74 ? 2  DG  A C8    1 
ATOM   30  N  N7    . DG  A 1 2 ? 5.917   3.821   -4.504  1.00 16.77 ? 2  DG  A N7    1 
ATOM   31  C  C5    . DG  A 1 2 ? 4.790   3.067   -4.740  1.00 17.25 ? 2  DG  A C5    1 
ATOM   32  C  C6    . DG  A 1 2 ? 3.454   3.561   -4.866  1.00 16.85 ? 2  DG  A C6    1 
ATOM   33  O  O6    . DG  A 1 2 ? 3.088   4.753   -4.858  1.00 17.71 ? 2  DG  A O6    1 
ATOM   34  N  N1    . DG  A 1 2 ? 2.530   2.540   -5.091  1.00 13.65 ? 2  DG  A N1    1 
ATOM   35  C  C2    . DG  A 1 2 ? 2.913   1.189   -5.112  1.00 13.68 ? 2  DG  A C2    1 
ATOM   36  N  N2    . DG  A 1 2 ? 1.919   0.302   -5.324  1.00 15.02 ? 2  DG  A N2    1 
ATOM   37  N  N3    . DG  A 1 2 ? 4.160   0.743   -4.979  1.00 15.96 ? 2  DG  A N3    1 
ATOM   38  C  C4    . DG  A 1 2 ? 5.081   1.720   -4.796  1.00 15.93 ? 2  DG  A C4    1 
ATOM   39  P  P     . DC  A 1 3 ? 6.349   -3.763  -2.673  1.00 27.14 ? 3  DC  A P     1 
ATOM   40  O  OP1   . DC  A 1 3 ? 6.852   -2.871  -1.629  1.00 29.66 ? 3  DC  A OP1   1 
ATOM   41  O  OP2   . DC  A 1 3 ? 6.891   -5.175  -2.735  1.00 24.88 ? 3  DC  A OP2   1 
ATOM   42  O  "O5'" . DC  A 1 3 ? 4.774   -3.820  -2.690  1.00 18.42 ? 3  DC  A "O5'" 1 
ATOM   43  C  "C5'" . DC  A 1 3 ? 4.109   -4.705  -1.779  1.00 15.62 ? 3  DC  A "C5'" 1 
ATOM   44  C  "C4'" . DC  A 1 3 ? 2.685   -4.275  -1.524  1.00 14.25 ? 3  DC  A "C4'" 1 
ATOM   45  O  "O4'" . DC  A 1 3 ? 2.678   -2.978  -0.918  1.00 14.74 ? 3  DC  A "O4'" 1 
ATOM   46  C  "C3'" . DC  A 1 3 ? 1.776   -4.194  -2.764  1.00 13.27 ? 3  DC  A "C3'" 1 
ATOM   47  O  "O3'" . DC  A 1 3 ? 0.516   -4.635  -2.369  1.00 17.98 ? 3  DC  A "O3'" 1 
ATOM   48  C  "C2'" . DC  A 1 3 ? 1.814   -2.705  -3.087  1.00 14.81 ? 3  DC  A "C2'" 1 
ATOM   49  C  "C1'" . DC  A 1 3 ? 1.802   -2.132  -1.680  1.00 13.93 ? 3  DC  A "C1'" 1 
ATOM   50  N  N1    . DC  A 1 3 ? 2.342   -0.718  -1.610  1.00 11.50 ? 3  DC  A N1    1 
ATOM   51  C  C2    . DC  A 1 3 ? 1.425   0.343   -1.729  1.00 11.18 ? 3  DC  A C2    1 
ATOM   52  O  O2    . DC  A 1 3 ? 0.205   0.033   -1.873  1.00 12.81 ? 3  DC  A O2    1 
ATOM   53  N  N3    . DC  A 1 3 ? 1.899   1.575   -1.642  1.00 12.27 ? 3  DC  A N3    1 
ATOM   54  C  C4    . DC  A 1 3 ? 3.196   1.811   -1.479  1.00 13.60 ? 3  DC  A C4    1 
ATOM   55  N  N4    . DC  A 1 3 ? 3.590   3.097   -1.411  1.00 13.95 ? 3  DC  A N4    1 
ATOM   56  C  C5    . DC  A 1 3 ? 4.125   0.734   -1.362  1.00 13.26 ? 3  DC  A C5    1 
ATOM   57  C  C6    . DC  A 1 3 ? 3.691   -0.517  -1.406  1.00 11.24 ? 3  DC  A C6    1 
ATOM   58  P  P     . DG  A 1 4 ? -0.030  -6.123  -2.641  1.00 19.79 ? 4  DG  A P     1 
ATOM   59  O  OP1   . DG  A 1 4 ? 0.364   -6.585  -3.997  1.00 20.26 ? 4  DG  A OP1   1 
ATOM   60  O  OP2   . DG  A 1 4 ? -1.431  -6.007  -2.234  1.00 21.14 ? 4  DG  A OP2   1 
ATOM   61  O  "O5'" . DG  A 1 4 ? 0.739   -6.993  -1.525  1.00 16.33 ? 4  DG  A "O5'" 1 
ATOM   62  C  "C5'" . DG  A 1 4 ? 0.398   -6.837  -0.108  1.00 15.14 ? 4  DG  A "C5'" 1 
ATOM   63  C  "C4'" . DG  A 1 4 ? 1.340   -7.643  0.776   1.00 13.35 ? 4  DG  A "C4'" 1 
ATOM   64  O  "O4'" . DG  A 1 4 ? 2.692   -7.227  0.507   1.00 14.92 ? 4  DG  A "O4'" 1 
ATOM   65  C  "C3'" . DG  A 1 4 ? 1.159   -7.472  2.311   1.00 14.91 ? 4  DG  A "C3'" 1 
ATOM   66  O  "O3'" . DG  A 1 4 ? 0.406   -8.596  2.765   1.00 21.62 ? 4  DG  A "O3'" 1 
ATOM   67  C  "C2'" . DG  A 1 4 ? 2.553   -7.607  2.883   1.00 16.52 ? 4  DG  A "C2'" 1 
ATOM   68  C  "C1'" . DG  A 1 4 ? 3.431   -7.170  1.716   1.00 14.26 ? 4  DG  A "C1'" 1 
ATOM   69  N  N9    . DG  A 1 4 ? 3.997   -5.843  1.846   1.00 14.79 ? 4  DG  A N9    1 
ATOM   70  C  C8    . DG  A 1 4 ? 5.345   -5.600  1.869   1.00 14.94 ? 4  DG  A C8    1 
ATOM   71  N  N7    . DG  A 1 4 ? 5.648   -4.358  1.945   1.00 15.85 ? 4  DG  A N7    1 
ATOM   72  C  C5    . DG  A 1 4 ? 4.420   -3.706  1.935   1.00 15.92 ? 4  DG  A C5    1 
ATOM   73  C  C6    . DG  A 1 4 ? 4.182   -2.315  2.009   1.00 14.15 ? 4  DG  A C6    1 
ATOM   74  O  O6    . DG  A 1 4 ? 5.038   -1.421  2.080   1.00 13.46 ? 4  DG  A O6    1 
ATOM   75  N  N1    . DG  A 1 4 ? 2.811   -2.018  1.988   1.00 13.99 ? 4  DG  A N1    1 
ATOM   76  C  C2    . DG  A 1 4 ? 1.823   -3.012  1.942   1.00 14.80 ? 4  DG  A C2    1 
ATOM   77  N  N2    . DG  A 1 4 ? 0.532   -2.628  1.899   1.00 11.93 ? 4  DG  A N2    1 
ATOM   78  N  N3    . DG  A 1 4 ? 2.069   -4.340  1.860   1.00 14.09 ? 4  DG  A N3    1 
ATOM   79  C  C4    . DG  A 1 4 ? 3.390   -4.596  1.867   1.00 16.82 ? 4  DG  A C4    1 
ATOM   80  P  P     . DC  A 1 5 ? -1.126  -8.415  3.129   1.00 32.09 ? 5  DC  A P     1 
ATOM   81  O  OP1   . DC  A 1 5 ? -1.724  -9.816  3.421   1.00 30.32 ? 5  DC  A OP1   1 
ATOM   82  O  OP2   . DC  A 1 5 ? -1.878  -7.744  2.048   1.00 29.86 ? 5  DC  A OP2   1 
ATOM   83  O  "O5'" . DC  A 1 5 ? -1.182  -7.494  4.407   1.00 19.51 ? 5  DC  A "O5'" 1 
ATOM   84  C  "C5'" . DC  A 1 5 ? -2.265  -7.476  5.287   1.00 17.49 ? 5  DC  A "C5'" 1 
ATOM   85  C  "C4'" . DC  A 1 5 ? -2.622  -6.032  5.656   1.00 14.32 ? 5  DC  A "C4'" 1 
ATOM   86  O  "O4'" . DC  A 1 5 ? -1.449  -5.325  6.189   1.00 14.63 ? 5  DC  A "O4'" 1 
ATOM   87  C  "C3'" . DC  A 1 5 ? -3.148  -5.189  4.501   1.00 13.00 ? 5  DC  A "C3'" 1 
ATOM   88  O  "O3'" . DC  A 1 5 ? -4.252  -4.399  4.940   1.00 16.97 ? 5  DC  A "O3'" 1 
ATOM   89  C  "C2'" . DC  A 1 5 ? -1.956  -4.238  4.176   1.00 13.14 ? 5  DC  A "C2'" 1 
ATOM   90  C  "C1'" . DC  A 1 5 ? -1.278  -4.090  5.537   1.00 13.13 ? 5  DC  A "C1'" 1 
ATOM   91  N  N1    . DC  A 1 5 ? 0.152   -3.779  5.455   1.00 10.18 ? 5  DC  A N1    1 
ATOM   92  C  C2    . DC  A 1 5 ? 0.574   -2.452  5.442   1.00 11.51 ? 5  DC  A C2    1 
ATOM   93  O  O2    . DC  A 1 5 ? -0.319  -1.594  5.486   1.00 13.46 ? 5  DC  A O2    1 
ATOM   94  N  N3    . DC  A 1 5 ? 1.889   -2.171  5.383   1.00 12.34 ? 5  DC  A N3    1 
ATOM   95  C  C4    . DC  A 1 5 ? 2.788   -3.157  5.343   1.00 12.38 ? 5  DC  A C4    1 
ATOM   96  N  N4    . DC  A 1 5 ? 4.100   -2.836  5.297   1.00 13.80 ? 5  DC  A N4    1 
ATOM   97  C  C5    . DC  A 1 5 ? 2.388   -4.544  5.357   1.00 12.75 ? 5  DC  A C5    1 
ATOM   98  C  C6    . DC  A 1 5 ? 1.064   -4.801  5.417   1.00 10.56 ? 5  DC  A C6    1 
ATOM   99  P  P     . DA  A 1 6 ? -5.749  -4.804  4.612   1.00 20.61 ? 6  DA  A P     1 
ATOM   100 O  OP1   . DA  A 1 6 ? -5.818  -5.154  3.174   1.00 18.32 ? 6  DA  A OP1   1 
ATOM   101 O  OP2   . DA  A 1 6 ? -6.607  -3.733  5.161   1.00 21.29 ? 6  DA  A OP2   1 
ATOM   102 O  "O5'" . DA  A 1 6 ? -5.909  -6.098  5.515   1.00 18.36 ? 6  DA  A "O5'" 1 
ATOM   103 C  "C5'" . DA  A 1 6 ? -6.091  -5.890  6.884   1.00 19.80 ? 6  DA  A "C5'" 1 
ATOM   104 C  "C4'" . DA  A 1 6 ? -6.220  -7.238  7.562   1.00 18.33 ? 6  DA  A "C4'" 1 
ATOM   105 O  "O4'" . DA  A 1 6 ? -4.924  -7.862  7.663   1.00 15.73 ? 6  DA  A "O4'" 1 
ATOM   106 C  "C3'" . DA  A 1 6 ? -6.732  -7.200  8.990   1.00 20.70 ? 6  DA  A "C3'" 1 
ATOM   107 O  "O3'" . DA  A 1 6 ? -7.448  -8.446  9.229   1.00 27.25 ? 6  DA  A "O3'" 1 
ATOM   108 C  "C2'" . DA  A 1 6 ? -5.463  -7.228  9.826   1.00 17.25 ? 6  DA  A "C2'" 1 
ATOM   109 C  "C1'" . DA  A 1 6 ? -4.550  -8.120  8.987   1.00 15.74 ? 6  DA  A "C1'" 1 
ATOM   110 N  N9    . DA  A 1 6 ? -3.116  -7.810  9.069   1.00 14.27 ? 6  DA  A N9    1 
ATOM   111 C  C8    . DA  A 1 6 ? -2.096  -8.745  9.119   1.00 16.51 ? 6  DA  A C8    1 
ATOM   112 N  N7    . DA  A 1 6 ? -0.912  -8.174  9.166   1.00 19.12 ? 6  DA  A N7    1 
ATOM   113 C  C5    . DA  A 1 6 ? -1.156  -6.811  9.140   1.00 15.31 ? 6  DA  A C5    1 
ATOM   114 C  C6    . DA  A 1 6 ? -0.342  -5.618  9.138   1.00 15.50 ? 6  DA  A C6    1 
ATOM   115 N  N6    . DA  A 1 6 ? 0.938   -5.650  9.218   1.00 16.99 ? 6  DA  A N6    1 
ATOM   116 N  N1    . DA  A 1 6 ? -0.905  -4.415  9.098   1.00 15.45 ? 6  DA  A N1    1 
ATOM   117 C  C2    . DA  A 1 6 ? -2.238  -4.360  9.020   1.00 18.73 ? 6  DA  A C2    1 
ATOM   118 N  N3    . DA  A 1 6 ? -3.095  -5.388  9.008   1.00 16.05 ? 6  DA  A N3    1 
ATOM   119 C  C4    . DA  A 1 6 ? -2.501  -6.581  9.064   1.00 14.19 ? 6  DA  A C4    1 
ATOM   120 O  "O5'" . DT  B 2 1 ? 4.781   2.230   10.245  1.00 14.48 ? 7  DT  B "O5'" 1 
ATOM   121 C  "C5'" . DT  B 2 1 ? 4.147   3.118   9.278   1.00 16.23 ? 7  DT  B "C5'" 1 
ATOM   122 C  "C4'" . DT  B 2 1 ? 2.765   2.612   8.937   1.00 15.95 ? 7  DT  B "C4'" 1 
ATOM   123 O  "O4'" . DT  B 2 1 ? 2.838   1.358   8.258   1.00 13.40 ? 7  DT  B "O4'" 1 
ATOM   124 C  "C3'" . DT  B 2 1 ? 1.820   2.420   10.092  1.00 15.81 ? 7  DT  B "C3'" 1 
ATOM   125 O  "O3'" . DT  B 2 1 ? 0.501   2.851   9.733   1.00 19.01 ? 7  DT  B "O3'" 1 
ATOM   126 C  "C2'" . DT  B 2 1 ? 1.811   0.919   10.367  1.00 13.96 ? 7  DT  B "C2'" 1 
ATOM   127 C  "C1'" . DT  B 2 1 ? 1.998   0.385   8.934   1.00 12.43 ? 7  DT  B "C1'" 1 
ATOM   128 N  N1    . DT  B 2 1 ? 2.589   -0.928  8.855   1.00 14.86 ? 7  DT  B N1    1 
ATOM   129 C  C2    . DT  B 2 1 ? 1.740   -2.021  8.888   1.00 13.84 ? 7  DT  B C2    1 
ATOM   130 O  O2    . DT  B 2 1 ? 0.554   -1.868  9.009   1.00 13.80 ? 7  DT  B O2    1 
ATOM   131 N  N3    . DT  B 2 1 ? 2.339   -3.244  8.825   1.00 16.14 ? 7  DT  B N3    1 
ATOM   132 C  C4    . DT  B 2 1 ? 3.676   -3.495  8.715   1.00 17.27 ? 7  DT  B C4    1 
ATOM   133 O  O4    . DT  B 2 1 ? 4.145   -4.617  8.607   1.00 20.12 ? 7  DT  B O4    1 
ATOM   134 C  C5    . DT  B 2 1 ? 4.515   -2.307  8.618   1.00 14.06 ? 7  DT  B C5    1 
ATOM   135 C  C7    . DT  B 2 1 ? 5.969   -2.460  8.321   1.00 19.44 ? 7  DT  B C7    1 
ATOM   136 C  C6    . DT  B 2 1 ? 3.945   -1.115  8.737   1.00 13.68 ? 7  DT  B C6    1 
ATOM   137 P  P     . DG  B 2 2 ? 0.005   4.321   10.075  1.00 23.37 ? 8  DG  B P     1 
ATOM   138 O  OP1   . DG  B 2 2 ? 0.465   4.792   11.406  1.00 24.40 ? 8  DG  B OP1   1 
ATOM   139 O  OP2   . DG  B 2 2 ? -1.458  4.197   9.767   1.00 26.42 ? 8  DG  B OP2   1 
ATOM   140 O  "O5'" . DG  B 2 2 ? 0.741   5.251   9.014   1.00 20.52 ? 8  DG  B "O5'" 1 
ATOM   141 C  "C5'" . DG  B 2 2 ? 0.243   5.439   7.751   1.00 20.50 ? 8  DG  B "C5'" 1 
ATOM   142 C  "C4'" . DG  B 2 2 ? 1.257   6.158   6.880   1.00 18.52 ? 8  DG  B "C4'" 1 
ATOM   143 O  "O4'" . DG  B 2 2 ? 2.544   5.509   6.997   1.00 16.00 ? 8  DG  B "O4'" 1 
ATOM   144 C  "C3'" . DG  B 2 2 ? 0.876   5.979   5.428   1.00 19.79 ? 8  DG  B "C3'" 1 
ATOM   145 O  "O3'" . DG  B 2 2 ? 0.022   7.044   5.077   1.00 22.80 ? 8  DG  B "O3'" 1 
ATOM   146 C  "C2'" . DG  B 2 2 ? 2.208   5.940   4.676   1.00 17.96 ? 8  DG  B "C2'" 1 
ATOM   147 C  "C1'" . DG  B 2 2 ? 3.220   5.586   5.768   1.00 16.04 ? 8  DG  B "C1'" 1 
ATOM   148 N  N9    . DG  B 2 2 ? 3.952   4.341   5.684   1.00 16.28 ? 8  DG  B N9    1 
ATOM   149 C  C8    . DG  B 2 2 ? 5.290   4.094   5.734   1.00 17.47 ? 8  DG  B C8    1 
ATOM   150 N  N7    . DG  B 2 2 ? 5.598   2.834   5.657   1.00 20.59 ? 8  DG  B N7    1 
ATOM   151 C  C5    . DG  B 2 2 ? 4.362   2.176   5.559   1.00 17.80 ? 8  DG  B C5    1 
ATOM   152 C  C6    . DG  B 2 2 ? 4.052   0.803   5.449   1.00 15.17 ? 8  DG  B C6    1 
ATOM   153 O  O6    . DG  B 2 2 ? 4.877   -0.121  5.428   1.00 14.90 ? 8  DG  B O6    1 
ATOM   154 N  N1    . DG  B 2 2 ? 2.661   0.566   5.366   1.00 13.45 ? 8  DG  B N1    1 
ATOM   155 C  C2    . DG  B 2 2 ? 1.696   1.560   5.393   1.00 10.26 ? 8  DG  B C2    1 
ATOM   156 N  N2    . DG  B 2 2 ? 0.411   1.184   5.317   1.00 11.81 ? 8  DG  B N2    1 
ATOM   157 N  N3    . DG  B 2 2 ? 2.014   2.882   5.495   1.00 10.64 ? 8  DG  B N3    1 
ATOM   158 C  C4    . DG  B 2 2 ? 3.340   3.083   5.581   1.00 15.73 ? 8  DG  B C4    1 
ATOM   159 P  P     . DC  B 2 3 ? -1.395  6.862   4.363   1.00 31.04 ? 9  DC  B P     1 
ATOM   160 O  OP1   . DC  B 2 3 ? -1.730  8.268   3.952   1.00 26.17 ? 9  DC  B OP1   1 
ATOM   161 O  OP2   . DC  B 2 3 ? -2.320  6.053   5.207   1.00 26.76 ? 9  DC  B OP2   1 
ATOM   162 O  "O5'" . DC  B 2 3 ? -1.038  5.948   3.093   1.00 21.95 ? 9  DC  B "O5'" 1 
ATOM   163 C  "C5'" . DC  B 2 3 ? -2.014  6.005   2.027   1.00 15.15 ? 9  DC  B "C5'" 1 
ATOM   164 C  "C4'" . DC  B 2 3 ? -2.399  4.582   1.604   1.00 12.84 ? 9  DC  B "C4'" 1 
ATOM   165 O  "O4'" . DC  B 2 3 ? -1.238  3.911   1.108   1.00 15.51 ? 9  DC  B "O4'" 1 
ATOM   166 C  "C3'" . DC  B 2 3 ? -2.989  3.680   2.677   1.00 14.23 ? 9  DC  B "C3'" 1 
ATOM   167 O  "O3'" . DC  B 2 3 ? -3.947  2.829   2.052   1.00 17.27 ? 9  DC  B "O3'" 1 
ATOM   168 C  "C2'" . DC  B 2 3 ? -1.806  2.767   3.114   1.00 15.30 ? 9  DC  B "C2'" 1 
ATOM   169 C  "C1'" . DC  B 2 3 ? -1.093  2.651   1.754   1.00 11.86 ? 9  DC  B "C1'" 1 
ATOM   170 N  N1    . DC  B 2 3 ? 0.352   2.341   1.819   1.00 9.49  ? 9  DC  B N1    1 
ATOM   171 C  C2    . DC  B 2 3 ? 0.769   0.995   1.814   1.00 13.87 ? 9  DC  B C2    1 
ATOM   172 O  O2    . DC  B 2 3 ? -0.067  0.100   1.763   1.00 10.84 ? 9  DC  B O2    1 
ATOM   173 N  N3    . DC  B 2 3 ? 2.085   0.703   1.917   1.00 13.74 ? 9  DC  B N3    1 
ATOM   174 C  C4    . DC  B 2 3 ? 2.979   1.676   2.030   1.00 14.15 ? 9  DC  B C4    1 
ATOM   175 N  N4    . DC  B 2 3 ? 4.279   1.329   2.093   1.00 13.83 ? 9  DC  B N4    1 
ATOM   176 C  C5    . DC  B 2 3 ? 2.589   3.059   2.048   1.00 13.16 ? 9  DC  B C5    1 
ATOM   177 C  C6    . DC  B 2 3 ? 1.281   3.346   1.919   1.00 11.22 ? 9  DC  B C6    1 
ATOM   178 P  P     . DG  B 2 4 ? -5.488  3.194   2.106   1.00 21.59 ? 10 DG  B P     1 
ATOM   179 O  OP1   . DG  B 2 4 ? -5.714  3.930   3.375   1.00 22.64 ? 10 DG  B OP1   1 
ATOM   180 O  OP2   . DG  B 2 4 ? -6.153  1.921   1.721   1.00 24.01 ? 10 DG  B OP2   1 
ATOM   181 O  "O5'" . DG  B 2 4 ? -5.724  4.345   1.010   1.00 18.83 ? 10 DG  B "O5'" 1 
ATOM   182 C  "C5'" . DG  B 2 4 ? -5.522  4.055   -0.375  1.00 15.36 ? 10 DG  B "C5'" 1 
ATOM   183 C  "C4'" . DG  B 2 4 ? -5.655  5.386   -1.134  1.00 13.98 ? 10 DG  B "C4'" 1 
ATOM   184 O  "O4'" . DG  B 2 4 ? -4.570  6.256   -0.706  1.00 12.87 ? 10 DG  B "O4'" 1 
ATOM   185 C  "C3'" . DG  B 2 4 ? -5.448  5.180   -2.630  1.00 14.75 ? 10 DG  B "C3'" 1 
ATOM   186 O  "O3'" . DG  B 2 4 ? -6.749  5.168   -3.239  1.00 18.27 ? 10 DG  B "O3'" 1 
ATOM   187 C  "C2'" . DG  B 2 4 ? -4.659  6.396   -3.071  1.00 14.42 ? 10 DG  B "C2'" 1 
ATOM   188 C  "C1'" . DG  B 2 4 ? -4.011  6.934   -1.777  1.00 11.45 ? 10 DG  B "C1'" 1 
ATOM   189 N  N9    . DG  B 2 4 ? -2.575  6.748   -1.726  1.00 12.59 ? 10 DG  B N9    1 
ATOM   190 C  C8    . DG  B 2 4 ? -1.691  7.739   -1.528  1.00 10.52 ? 10 DG  B C8    1 
ATOM   191 N  N7    . DG  B 2 4 ? -0.462  7.344   -1.495  1.00 14.32 ? 10 DG  B N7    1 
ATOM   192 C  C5    . DG  B 2 4 ? -0.569  5.968   -1.625  1.00 14.14 ? 10 DG  B C5    1 
ATOM   193 C  C6    . DG  B 2 4 ? 0.463   4.999   -1.648  1.00 15.41 ? 10 DG  B C6    1 
ATOM   194 O  O6    . DG  B 2 4 ? 1.685   5.170   -1.499  1.00 15.73 ? 10 DG  B O6    1 
ATOM   195 N  N1    . DG  B 2 4 ? -0.058  3.700   -1.796  1.00 10.97 ? 10 DG  B N1    1 
ATOM   196 C  C2    . DG  B 2 4 ? -1.393  3.409   -1.934  1.00 11.67 ? 10 DG  B C2    1 
ATOM   197 N  N2    . DG  B 2 4 ? -1.680  2.082   -2.042  1.00 10.69 ? 10 DG  B N2    1 
ATOM   198 N  N3    . DG  B 2 4 ? -2.377  4.321   -1.909  1.00 10.35 ? 10 DG  B N3    1 
ATOM   199 C  C4    . DG  B 2 4 ? -1.860  5.569   -1.746  1.00 14.11 ? 10 DG  B C4    1 
ATOM   200 P  P     . DC  B 2 5 ? -6.977  4.870   -4.799  1.00 19.05 ? 11 DC  B P     1 
ATOM   201 O  OP1   . DC  B 2 5 ? -6.154  5.782   -5.622  1.00 19.68 ? 11 DC  B OP1   1 
ATOM   202 O  OP2   . DC  B 2 5 ? -8.442  4.845   -4.961  1.00 22.37 ? 11 DC  B OP2   1 
ATOM   203 O  "O5'" . DC  B 2 5 ? -6.357  3.387   -5.012  1.00 16.50 ? 11 DC  B "O5'" 1 
ATOM   204 C  "C5'" . DC  B 2 5 ? -6.833  2.564   -6.116  1.00 13.45 ? 11 DC  B "C5'" 1 
ATOM   205 C  "C4'" . DC  B 2 5 ? -5.719  1.588   -6.459  1.00 15.28 ? 11 DC  B "C4'" 1 
ATOM   206 O  "O4'" . DC  B 2 5 ? -4.487  2.297   -6.761  1.00 15.08 ? 11 DC  B "O4'" 1 
ATOM   207 C  "C3'" . DC  B 2 5 ? -5.391  0.720   -5.255  1.00 15.71 ? 11 DC  B "C3'" 1 
ATOM   208 O  "O3'" . DC  B 2 5 ? -5.115  -0.590  -5.692  1.00 15.55 ? 11 DC  B "O3'" 1 
ATOM   209 C  "C2'" . DC  B 2 5 ? -4.078  1.271   -4.708  1.00 13.59 ? 11 DC  B "C2'" 1 
ATOM   210 C  "C1'" . DC  B 2 5 ? -3.423  1.738   -5.993  1.00 15.06 ? 11 DC  B "C1'" 1 
ATOM   211 N  N1    . DC  B 2 5 ? -2.406  2.766   -5.744  1.00 12.28 ? 11 DC  B N1    1 
ATOM   212 C  C2    . DC  B 2 5 ? -1.038  2.391   -5.608  1.00 11.16 ? 11 DC  B C2    1 
ATOM   213 O  O2    . DC  B 2 5 ? -0.774  1.194   -5.698  1.00 12.49 ? 11 DC  B O2    1 
ATOM   214 N  N3    . DC  B 2 5 ? -0.149  3.382   -5.366  1.00 14.15 ? 11 DC  B N3    1 
ATOM   215 C  C4    . DC  B 2 5 ? -0.611  4.663   -5.267  1.00 17.27 ? 11 DC  B C4    1 
ATOM   216 N  N4    . DC  B 2 5 ? 0.256   5.651   -5.035  1.00 13.85 ? 11 DC  B N4    1 
ATOM   217 C  C5    . DC  B 2 5 ? -1.994  5.054   -5.398  1.00 12.56 ? 11 DC  B C5    1 
ATOM   218 C  C6    . DC  B 2 5 ? -2.879  4.067   -5.613  1.00 16.29 ? 11 DC  B C6    1 
ATOM   219 P  P     . DG  B 2 6 ? -6.252  -1.678  -5.653  1.00 22.69 ? 12 DG  B P     1 
ATOM   220 O  OP1   . DG  B 2 6 ? -6.927  -1.665  -4.345  1.00 25.16 ? 12 DG  B OP1   1 
ATOM   221 O  OP2   . DG  B 2 6 ? -5.451  -2.849  -6.037  1.00 23.65 ? 12 DG  B OP2   1 
ATOM   222 O  "O5'" . DG  B 2 6 ? -7.208  -1.311  -6.886  1.00 18.56 ? 12 DG  B "O5'" 1 
ATOM   223 C  "C5'" . DG  B 2 6 ? -6.942  -1.674  -8.191  1.00 18.44 ? 12 DG  B "C5'" 1 
ATOM   224 C  "C4'" . DG  B 2 6 ? -8.144  -1.090  -8.990  1.00 13.56 ? 12 DG  B "C4'" 1 
ATOM   225 O  "O4'" . DG  B 2 6 ? -8.102  0.331   -8.863  1.00 14.57 ? 12 DG  B "O4'" 1 
ATOM   226 C  "C3'" . DG  B 2 6 ? -8.110  -1.422  -10.464 1.00 17.33 ? 12 DG  B "C3'" 1 
ATOM   227 O  "O3'" . DG  B 2 6 ? -9.412  -1.585  -11.064 1.00 18.88 ? 12 DG  B "O3'" 1 
ATOM   228 C  "C2'" . DG  B 2 6 ? -7.399  -0.246  -11.069 1.00 14.73 ? 12 DG  B "C2'" 1 
ATOM   229 C  "C1'" . DG  B 2 6 ? -7.938  0.879   -10.179 1.00 16.73 ? 12 DG  B "C1'" 1 
ATOM   230 N  N9    . DG  B 2 6 ? -7.025  1.980   -10.061 1.00 17.53 ? 12 DG  B N9    1 
ATOM   231 C  C8    . DG  B 2 6 ? -7.398  3.310   -10.030 1.00 17.65 ? 12 DG  B C8    1 
ATOM   232 N  N7    . DG  B 2 6 ? -6.401  4.093   -9.864  1.00 21.20 ? 12 DG  B N7    1 
ATOM   233 C  C5    . DG  B 2 6 ? -5.296  3.253   -9.773  1.00 21.00 ? 12 DG  B C5    1 
ATOM   234 C  C6    . DG  B 2 6 ? -3.906  3.538   -9.593  1.00 19.23 ? 12 DG  B C6    1 
ATOM   235 O  O6    . DG  B 2 6 ? -3.413  4.660   -9.451  1.00 22.74 ? 12 DG  B O6    1 
ATOM   236 N  N1    . DG  B 2 6 ? -3.109  2.394   -9.516  1.00 17.90 ? 12 DG  B N1    1 
ATOM   237 C  C2    . DG  B 2 6 ? -3.602  1.114   -9.626  1.00 17.27 ? 12 DG  B C2    1 
ATOM   238 N  N2    . DG  B 2 6 ? -2.757  0.069   -9.547  1.00 17.15 ? 12 DG  B N2    1 
ATOM   239 N  N3    . DG  B 2 6 ? -4.875  0.838   -9.830  1.00 17.74 ? 12 DG  B N3    1 
ATOM   240 C  C4    . DG  B 2 6 ? -5.666  1.944   -9.878  1.00 18.63 ? 12 DG  B C4    1 
HETATM 241 CO CO    . NCO C 3 . ? 8.916   -1.511  1.738   1.00 30.90 ? 13 NCO A CO    1 
HETATM 242 N  N1    . NCO C 3 . ? 7.795   -1.168  3.216   1.00 31.57 ? 13 NCO A N1    1 
HETATM 243 N  N2    . NCO C 3 . ? 7.428   -1.313  0.506   1.00 28.19 ? 13 NCO A N2    1 
HETATM 244 N  N3    . NCO C 3 . ? 9.973   -1.830  0.160   1.00 30.15 ? 13 NCO A N3    1 
HETATM 245 N  N4    . NCO C 3 . ? 10.384  -1.736  2.933   1.00 30.63 ? 13 NCO A N4    1 
HETATM 246 N  N5    . NCO C 3 . ? 9.373   0.324   1.553   1.00 29.64 ? 13 NCO A N5    1 
HETATM 247 N  N6    . NCO C 3 . ? 8.527   -3.344  1.906   1.00 30.09 ? 13 NCO A N6    1 
HETATM 248 O  O     . HOH D 4 . ? 4.716   -4.905  -5.346  1.00 40.86 ? 14 HOH A O     1 
HETATM 249 O  O     . HOH D 4 . ? 9.814   0.382   5.181   1.00 32.17 ? 17 HOH A O     1 
HETATM 250 O  O     . HOH D 4 . ? 7.508   1.330   -1.061  1.00 30.04 ? 18 HOH A O     1 
HETATM 251 O  O     . HOH D 4 . ? -1.985  -1.045  -0.277  1.00 27.65 ? 20 HOH A O     1 
HETATM 252 O  O     . HOH D 4 . ? 2.197   -2.581  -6.489  1.00 28.71 ? 22 HOH A O     1 
HETATM 253 O  O     . HOH D 4 . ? -2.431  -11.344 5.555   1.00 28.09 ? 24 HOH A O     1 
HETATM 254 O  O     . HOH D 4 . ? -5.090  -7.337  1.931   1.00 27.26 ? 26 HOH A O     1 
HETATM 255 O  O     . HOH D 4 . ? 7.069   3.210   -11.462 1.00 30.04 ? 28 HOH A O     1 
HETATM 256 O  O     . HOH D 4 . ? -5.122  -1.469  6.064   1.00 33.59 ? 29 HOH A O     1 
HETATM 257 O  O     . HOH D 4 . ? -1.854  -4.230  0.517   1.00 24.79 ? 32 HOH A O     1 
HETATM 258 O  O     . HOH D 4 . ? -1.564  -1.280  -3.662  1.00 29.73 ? 33 HOH A O     1 
HETATM 259 O  O     . HOH D 4 . ? 8.046   0.501   -11.742 1.00 29.14 ? 36 HOH A O     1 
HETATM 260 O  O     . HOH D 4 . ? -2.379  -3.482  -2.464  1.00 45.69 ? 39 HOH A O     1 
HETATM 261 O  O     . HOH D 4 . ? -2.876  -7.966  -1.077  1.00 41.63 ? 44 HOH A O     1 
HETATM 262 O  O     . HOH D 4 . ? 6.076   -5.050  5.579   1.00 34.16 ? 46 HOH A O     1 
HETATM 263 O  O     . HOH D 4 . ? -1.113  -9.980  -0.958  1.00 36.73 ? 49 HOH A O     1 
HETATM 264 O  O     . HOH D 4 . ? -4.564  -3.294  1.592   1.00 36.13 ? 50 HOH A O     1 
HETATM 265 O  O     . HOH D 4 . ? 7.036   -3.607  -12.114 1.00 30.85 ? 51 HOH A O     1 
HETATM 266 O  O     . HOH D 4 . ? -9.168  -2.508  5.331   1.00 55.80 ? 53 HOH A O     1 
HETATM 267 O  O     . HOH D 4 . ? 0.330   -0.902  -10.125 1.00 50.16 ? 54 HOH A O     1 
HETATM 268 O  O     . HOH D 4 . ? 6.244   3.372   -1.039  1.00 38.12 ? 56 HOH A O     1 
HETATM 269 O  O     . HOH D 4 . ? -5.753  -2.558  8.050   1.00 31.70 ? 58 HOH A O     1 
HETATM 270 O  O     . HOH E 4 . ? -2.133  2.836   6.411   1.00 20.16 ? 15 HOH B O     1 
HETATM 271 O  O     . HOH E 4 . ? -0.531  8.390   -4.889  1.00 25.63 ? 16 HOH B O     1 
HETATM 272 O  O     . HOH E 4 . ? 4.321   3.213   12.732  1.00 27.28 ? 19 HOH B O     1 
HETATM 273 O  O     . HOH E 4 . ? -2.368  -0.539  3.319   1.00 25.40 ? 21 HOH B O     1 
HETATM 274 O  O     . HOH E 4 . ? -2.140  -0.342  7.935   1.00 29.71 ? 23 HOH B O     1 
HETATM 275 O  O     . HOH E 4 . ? -8.563  -2.996  -13.390 1.00 24.78 ? 25 HOH B O     1 
HETATM 276 O  O     . HOH E 4 . ? -9.717  5.530   -6.932  1.00 31.49 ? 27 HOH B O     1 
HETATM 277 O  O     . HOH E 4 . ? -4.447  0.608   -1.297  1.00 28.02 ? 31 HOH B O     1 
HETATM 278 O  O     . HOH E 4 . ? -5.154  6.655   -7.627  1.00 25.83 ? 34 HOH B O     1 
HETATM 279 O  O     . HOH E 4 . ? -10.051 1.210   -6.949  1.00 23.86 ? 35 HOH B O     1 
HETATM 280 O  O     . HOH E 4 . ? -5.396  -1.610  -2.056  1.00 36.57 ? 37 HOH B O     1 
HETATM 281 O  O     . HOH E 4 . ? 0.384   10.363  -3.647  1.00 43.68 ? 38 HOH B O     1 
HETATM 282 O  O     . HOH E 4 . ? -3.447  -2.626  -8.976  1.00 30.79 ? 40 HOH B O     1 
HETATM 283 O  O     . HOH E 4 . ? 2.635   6.638   1.150   1.00 27.60 ? 41 HOH B O     1 
HETATM 284 O  O     . HOH E 4 . ? 7.340   0.257   6.969   1.00 30.42 ? 43 HOH B O     1 
HETATM 285 O  O     . HOH E 4 . ? 6.122   3.855   2.135   1.00 39.55 ? 45 HOH B O     1 
HETATM 286 O  O     . HOH E 4 . ? -10.408 6.667   -4.034  1.00 42.50 ? 47 HOH B O     1 
HETATM 287 O  O     . HOH E 4 . ? -2.353  2.130   8.801   1.00 32.71 ? 48 HOH B O     1 
HETATM 288 O  O     . HOH E 4 . ? -13.084 6.848   -5.845  1.00 43.87 ? 52 HOH B O     1 
HETATM 289 O  O     . HOH E 4 . ? -4.343  8.902   4.889   1.00 40.69 ? 55 HOH B O     1 
HETATM 290 O  O     . HOH E 4 . ? 0.751   4.043   13.905  1.00 50.68 ? 57 HOH B O     1 
HETATM 291 O  O     . HOH E 4 . ? -8.329  0.860   3.950   1.00 43.08 ? 59 HOH B O     1 
HETATM 292 O  O     . HOH E 4 . ? 6.072   3.867   15.082  1.00 43.77 ? 62 HOH B O     1 
# 
